data_4O7Q
# 
_entry.id   4O7Q 
# 
_audit_conform.dict_name       mmcif_pdbx.dic 
_audit_conform.dict_version    5.389 
_audit_conform.dict_location   http://mmcif.pdb.org/dictionaries/ascii/mmcif_pdbx.dic 
# 
loop_
_database_2.database_id 
_database_2.database_code 
_database_2.pdbx_database_accession 
_database_2.pdbx_DOI 
PDB   4O7Q         pdb_00004o7q 10.2210/pdb4o7q/pdb 
RCSB  RCSB084147   ?            ?                   
WWPDB D_1000084147 ?            ?                   
# 
loop_
_pdbx_audit_revision_history.ordinal 
_pdbx_audit_revision_history.data_content_type 
_pdbx_audit_revision_history.major_revision 
_pdbx_audit_revision_history.minor_revision 
_pdbx_audit_revision_history.revision_date 
1 'Structure model' 1 0 2014-02-19 
2 'Structure model' 1 1 2014-04-23 
3 'Structure model' 1 2 2019-07-17 
4 'Structure model' 1 3 2024-02-28 
5 'Structure model' 1 4 2024-04-03 
# 
_pdbx_audit_revision_details.ordinal             1 
_pdbx_audit_revision_details.revision_ordinal    1 
_pdbx_audit_revision_details.data_content_type   'Structure model' 
_pdbx_audit_revision_details.provider            repository 
_pdbx_audit_revision_details.type                'Initial release' 
_pdbx_audit_revision_details.description         ? 
_pdbx_audit_revision_details.details             ? 
# 
loop_
_pdbx_audit_revision_group.ordinal 
_pdbx_audit_revision_group.revision_ordinal 
_pdbx_audit_revision_group.data_content_type 
_pdbx_audit_revision_group.group 
1 2 'Structure model' 'Database references'    
2 3 'Structure model' 'Data collection'        
3 3 'Structure model' 'Refinement description' 
4 4 'Structure model' 'Data collection'        
5 4 'Structure model' 'Database references'    
6 5 'Structure model' 'Refinement description' 
# 
loop_
_pdbx_audit_revision_category.ordinal 
_pdbx_audit_revision_category.revision_ordinal 
_pdbx_audit_revision_category.data_content_type 
_pdbx_audit_revision_category.category 
1 3 'Structure model' software                      
2 4 'Structure model' chem_comp_atom                
3 4 'Structure model' chem_comp_bond                
4 4 'Structure model' database_2                    
5 4 'Structure model' struct_ref_seq_dif            
6 5 'Structure model' pdbx_initial_refinement_model 
# 
loop_
_pdbx_audit_revision_item.ordinal 
_pdbx_audit_revision_item.revision_ordinal 
_pdbx_audit_revision_item.data_content_type 
_pdbx_audit_revision_item.item 
1  3 'Structure model' '_software.contact_author'            
2  3 'Structure model' '_software.contact_author_email'      
3  3 'Structure model' '_software.language'                  
4  3 'Structure model' '_software.location'                  
5  3 'Structure model' '_software.name'                      
6  3 'Structure model' '_software.type'                      
7  3 'Structure model' '_software.version'                   
8  4 'Structure model' '_database_2.pdbx_DOI'                
9  4 'Structure model' '_database_2.pdbx_database_accession' 
10 4 'Structure model' '_struct_ref_seq_dif.details'         
# 
_pdbx_database_status.entry_id                        4O7Q 
_pdbx_database_status.deposit_site                    RCSB 
_pdbx_database_status.process_site                    RCSB 
_pdbx_database_status.recvd_initial_deposition_date   2013-12-26 
_pdbx_database_status.status_code                     REL 
_pdbx_database_status.status_code_sf                  REL 
_pdbx_database_status.status_code_mr                  ? 
_pdbx_database_status.SG_entry                        ? 
_pdbx_database_status.status_code_cs                  ? 
_pdbx_database_status.methods_development_category    ? 
_pdbx_database_status.pdb_format_compatible           Y 
_pdbx_database_status.status_code_nmr_data            ? 
# 
loop_
_audit_author.name 
_audit_author.pdbx_ordinal 
'Lu, A.'            1 
'Kabaleeswaran, V.' 2 
'Wu, H.'            3 
# 
_citation.id                        primary 
_citation.title                     
'Crystal Structure of the F27G AIM2 PYD Mutant and Similarities of Its Self-Association to DED/DED Interactions.' 
_citation.journal_abbrev            J.Mol.Biol. 
_citation.journal_volume            426 
_citation.page_first                1420 
_citation.page_last                 1427 
_citation.year                      2014 
_citation.journal_id_ASTM           JMOBAK 
_citation.country                   UK 
_citation.journal_id_ISSN           0022-2836 
_citation.journal_id_CSD            0070 
_citation.book_publisher            ? 
_citation.pdbx_database_id_PubMed   24406744 
_citation.pdbx_database_id_DOI      10.1016/j.jmb.2013.12.029 
# 
loop_
_citation_author.citation_id 
_citation_author.name 
_citation_author.ordinal 
_citation_author.identifier_ORCID 
primary 'Lu, A.'            1 ? 
primary 'Kabaleeswaran, V.' 2 ? 
primary 'Fu, T.'            3 ? 
primary 'Magupalli, V.G.'   4 ? 
primary 'Wu, H.'            5 ? 
# 
loop_
_entity.id 
_entity.type 
_entity.src_method 
_entity.pdbx_description 
_entity.formula_weight 
_entity.pdbx_number_of_molecules 
_entity.pdbx_ec 
_entity.pdbx_mutation 
_entity.pdbx_fragment 
_entity.details 
1 polymer man 'Interferon-inducible protein AIM2' 10839.629 1  ? F27G 'PYD DOMAIN (UNP RESIDUES 1-93)' ? 
2 water   nat water                               18.015    91 ? ?    ?                                ? 
# 
_entity_name_com.entity_id   1 
_entity_name_com.name        'Absent in melanoma 2' 
# 
_entity_poly.entity_id                      1 
_entity_poly.type                           'polypeptide(L)' 
_entity_poly.nstd_linkage                   no 
_entity_poly.nstd_monomer                   no 
_entity_poly.pdbx_seq_one_letter_code       
;AMESKYKEILLLTGLDNITDEELDRFKGFLSDEFNIATGKLHTANRIQVATLMIQNAGAVSAVMKTIRIFQKLNYMLLAK
RLQEEKEKVDKQYK
;
_entity_poly.pdbx_seq_one_letter_code_can   
;AMESKYKEILLLTGLDNITDEELDRFKGFLSDEFNIATGKLHTANRIQVATLMIQNAGAVSAVMKTIRIFQKLNYMLLAK
RLQEEKEKVDKQYK
;
_entity_poly.pdbx_strand_id                 A 
_entity_poly.pdbx_target_identifier         ? 
# 
_pdbx_entity_nonpoly.entity_id   2 
_pdbx_entity_nonpoly.name        water 
_pdbx_entity_nonpoly.comp_id     HOH 
# 
loop_
_entity_poly_seq.entity_id 
_entity_poly_seq.num 
_entity_poly_seq.mon_id 
_entity_poly_seq.hetero 
1 1  ALA n 
1 2  MET n 
1 3  GLU n 
1 4  SER n 
1 5  LYS n 
1 6  TYR n 
1 7  LYS n 
1 8  GLU n 
1 9  ILE n 
1 10 LEU n 
1 11 LEU n 
1 12 LEU n 
1 13 THR n 
1 14 GLY n 
1 15 LEU n 
1 16 ASP n 
1 17 ASN n 
1 18 ILE n 
1 19 THR n 
1 20 ASP n 
1 21 GLU n 
1 22 GLU n 
1 23 LEU n 
1 24 ASP n 
1 25 ARG n 
1 26 PHE n 
1 27 LYS n 
1 28 GLY n 
1 29 PHE n 
1 30 LEU n 
1 31 SER n 
1 32 ASP n 
1 33 GLU n 
1 34 PHE n 
1 35 ASN n 
1 36 ILE n 
1 37 ALA n 
1 38 THR n 
1 39 GLY n 
1 40 LYS n 
1 41 LEU n 
1 42 HIS n 
1 43 THR n 
1 44 ALA n 
1 45 ASN n 
1 46 ARG n 
1 47 ILE n 
1 48 GLN n 
1 49 VAL n 
1 50 ALA n 
1 51 THR n 
1 52 LEU n 
1 53 MET n 
1 54 ILE n 
1 55 GLN n 
1 56 ASN n 
1 57 ALA n 
1 58 GLY n 
1 59 ALA n 
1 60 VAL n 
1 61 SER n 
1 62 ALA n 
1 63 VAL n 
1 64 MET n 
1 65 LYS n 
1 66 THR n 
1 67 ILE n 
1 68 ARG n 
1 69 ILE n 
1 70 PHE n 
1 71 GLN n 
1 72 LYS n 
1 73 LEU n 
1 74 ASN n 
1 75 TYR n 
1 76 MET n 
1 77 LEU n 
1 78 LEU n 
1 79 ALA n 
1 80 LYS n 
1 81 ARG n 
1 82 LEU n 
1 83 GLN n 
1 84 GLU n 
1 85 GLU n 
1 86 LYS n 
1 87 GLU n 
1 88 LYS n 
1 89 VAL n 
1 90 ASP n 
1 91 LYS n 
1 92 GLN n 
1 93 TYR n 
1 94 LYS n 
# 
_entity_src_gen.entity_id                          1 
_entity_src_gen.pdbx_src_id                        1 
_entity_src_gen.pdbx_alt_source_flag               sample 
_entity_src_gen.pdbx_seq_type                      ? 
_entity_src_gen.pdbx_beg_seq_num                   ? 
_entity_src_gen.pdbx_end_seq_num                   ? 
_entity_src_gen.gene_src_common_name               human 
_entity_src_gen.gene_src_genus                     ? 
_entity_src_gen.pdbx_gene_src_gene                 AIM2 
_entity_src_gen.gene_src_species                   ? 
_entity_src_gen.gene_src_strain                    ? 
_entity_src_gen.gene_src_tissue                    ? 
_entity_src_gen.gene_src_tissue_fraction           ? 
_entity_src_gen.gene_src_details                   ? 
_entity_src_gen.pdbx_gene_src_fragment             ? 
_entity_src_gen.pdbx_gene_src_scientific_name      'Homo sapiens' 
_entity_src_gen.pdbx_gene_src_ncbi_taxonomy_id     9606 
_entity_src_gen.pdbx_gene_src_variant              ? 
_entity_src_gen.pdbx_gene_src_cell_line            ? 
_entity_src_gen.pdbx_gene_src_atcc                 ? 
_entity_src_gen.pdbx_gene_src_organ                ? 
_entity_src_gen.pdbx_gene_src_organelle            ? 
_entity_src_gen.pdbx_gene_src_cell                 ? 
_entity_src_gen.pdbx_gene_src_cellular_location    ? 
_entity_src_gen.host_org_common_name               ? 
_entity_src_gen.pdbx_host_org_scientific_name      'Escherichia coli' 
_entity_src_gen.pdbx_host_org_ncbi_taxonomy_id     562 
_entity_src_gen.host_org_genus                     ? 
_entity_src_gen.pdbx_host_org_gene                 ? 
_entity_src_gen.pdbx_host_org_organ                ? 
_entity_src_gen.host_org_species                   ? 
_entity_src_gen.pdbx_host_org_tissue               ? 
_entity_src_gen.pdbx_host_org_tissue_fraction      ? 
_entity_src_gen.pdbx_host_org_strain               ? 
_entity_src_gen.pdbx_host_org_variant              ? 
_entity_src_gen.pdbx_host_org_cell_line            ? 
_entity_src_gen.pdbx_host_org_atcc                 ? 
_entity_src_gen.pdbx_host_org_culture_collection   ? 
_entity_src_gen.pdbx_host_org_cell                 ? 
_entity_src_gen.pdbx_host_org_organelle            ? 
_entity_src_gen.pdbx_host_org_cellular_location    ? 
_entity_src_gen.pdbx_host_org_vector_type          ? 
_entity_src_gen.pdbx_host_org_vector               ? 
_entity_src_gen.host_org_details                   ? 
_entity_src_gen.expression_system_id               ? 
_entity_src_gen.plasmid_name                       ? 
_entity_src_gen.plasmid_details                    ? 
_entity_src_gen.pdbx_description                   ? 
# 
loop_
_chem_comp.id 
_chem_comp.type 
_chem_comp.mon_nstd_flag 
_chem_comp.name 
_chem_comp.pdbx_synonyms 
_chem_comp.formula 
_chem_comp.formula_weight 
ALA 'L-peptide linking' y ALANINE         ? 'C3 H7 N O2'     89.093  
ARG 'L-peptide linking' y ARGININE        ? 'C6 H15 N4 O2 1' 175.209 
ASN 'L-peptide linking' y ASPARAGINE      ? 'C4 H8 N2 O3'    132.118 
ASP 'L-peptide linking' y 'ASPARTIC ACID' ? 'C4 H7 N O4'     133.103 
GLN 'L-peptide linking' y GLUTAMINE       ? 'C5 H10 N2 O3'   146.144 
GLU 'L-peptide linking' y 'GLUTAMIC ACID' ? 'C5 H9 N O4'     147.129 
GLY 'peptide linking'   y GLYCINE         ? 'C2 H5 N O2'     75.067  
HIS 'L-peptide linking' y HISTIDINE       ? 'C6 H10 N3 O2 1' 156.162 
HOH non-polymer         . WATER           ? 'H2 O'           18.015  
ILE 'L-peptide linking' y ISOLEUCINE      ? 'C6 H13 N O2'    131.173 
LEU 'L-peptide linking' y LEUCINE         ? 'C6 H13 N O2'    131.173 
LYS 'L-peptide linking' y LYSINE          ? 'C6 H15 N2 O2 1' 147.195 
MET 'L-peptide linking' y METHIONINE      ? 'C5 H11 N O2 S'  149.211 
PHE 'L-peptide linking' y PHENYLALANINE   ? 'C9 H11 N O2'    165.189 
SER 'L-peptide linking' y SERINE          ? 'C3 H7 N O3'     105.093 
THR 'L-peptide linking' y THREONINE       ? 'C4 H9 N O3'     119.119 
TYR 'L-peptide linking' y TYROSINE        ? 'C9 H11 N O3'    181.189 
VAL 'L-peptide linking' y VALINE          ? 'C5 H11 N O2'    117.146 
# 
loop_
_pdbx_poly_seq_scheme.asym_id 
_pdbx_poly_seq_scheme.entity_id 
_pdbx_poly_seq_scheme.seq_id 
_pdbx_poly_seq_scheme.mon_id 
_pdbx_poly_seq_scheme.ndb_seq_num 
_pdbx_poly_seq_scheme.pdb_seq_num 
_pdbx_poly_seq_scheme.auth_seq_num 
_pdbx_poly_seq_scheme.pdb_mon_id 
_pdbx_poly_seq_scheme.auth_mon_id 
_pdbx_poly_seq_scheme.pdb_strand_id 
_pdbx_poly_seq_scheme.pdb_ins_code 
_pdbx_poly_seq_scheme.hetero 
A 1 1  ALA 1  0  0  ALA ALA A . n 
A 1 2  MET 2  1  1  MET MET A . n 
A 1 3  GLU 3  2  2  GLU GLU A . n 
A 1 4  SER 4  3  3  SER SER A . n 
A 1 5  LYS 5  4  4  LYS LYS A . n 
A 1 6  TYR 6  5  5  TYR TYR A . n 
A 1 7  LYS 7  6  6  LYS LYS A . n 
A 1 8  GLU 8  7  7  GLU GLU A . n 
A 1 9  ILE 9  8  8  ILE ILE A . n 
A 1 10 LEU 10 9  9  LEU LEU A . n 
A 1 11 LEU 11 10 10 LEU LEU A . n 
A 1 12 LEU 12 11 11 LEU LEU A . n 
A 1 13 THR 13 12 12 THR THR A . n 
A 1 14 GLY 14 13 13 GLY GLY A . n 
A 1 15 LEU 15 14 14 LEU LEU A . n 
A 1 16 ASP 16 15 15 ASP ASP A . n 
A 1 17 ASN 17 16 16 ASN ASN A . n 
A 1 18 ILE 18 17 17 ILE ILE A . n 
A 1 19 THR 19 18 18 THR THR A . n 
A 1 20 ASP 20 19 19 ASP ASP A . n 
A 1 21 GLU 21 20 20 GLU GLU A . n 
A 1 22 GLU 22 21 21 GLU GLU A . n 
A 1 23 LEU 23 22 22 LEU LEU A . n 
A 1 24 ASP 24 23 23 ASP ASP A . n 
A 1 25 ARG 25 24 24 ARG ARG A . n 
A 1 26 PHE 26 25 25 PHE PHE A . n 
A 1 27 LYS 27 26 26 LYS LYS A . n 
A 1 28 GLY 28 27 27 GLY GLY A . n 
A 1 29 PHE 29 28 28 PHE PHE A . n 
A 1 30 LEU 30 29 29 LEU LEU A . n 
A 1 31 SER 31 30 30 SER SER A . n 
A 1 32 ASP 32 31 31 ASP ASP A . n 
A 1 33 GLU 33 32 32 GLU GLU A . n 
A 1 34 PHE 34 33 33 PHE PHE A . n 
A 1 35 ASN 35 34 34 ASN ASN A . n 
A 1 36 ILE 36 35 35 ILE ILE A . n 
A 1 37 ALA 37 36 36 ALA ALA A . n 
A 1 38 THR 38 37 37 THR THR A . n 
A 1 39 GLY 39 38 38 GLY GLY A . n 
A 1 40 LYS 40 39 39 LYS LYS A . n 
A 1 41 LEU 41 40 40 LEU LEU A . n 
A 1 42 HIS 42 41 41 HIS HIS A . n 
A 1 43 THR 43 42 42 THR THR A . n 
A 1 44 ALA 44 43 43 ALA ALA A . n 
A 1 45 ASN 45 44 44 ASN ASN A . n 
A 1 46 ARG 46 45 45 ARG ARG A . n 
A 1 47 ILE 47 46 46 ILE ILE A . n 
A 1 48 GLN 48 47 47 GLN GLN A . n 
A 1 49 VAL 49 48 48 VAL VAL A . n 
A 1 50 ALA 50 49 49 ALA ALA A . n 
A 1 51 THR 51 50 50 THR THR A . n 
A 1 52 LEU 52 51 51 LEU LEU A . n 
A 1 53 MET 53 52 52 MET MET A . n 
A 1 54 ILE 54 53 53 ILE ILE A . n 
A 1 55 GLN 55 54 54 GLN GLN A . n 
A 1 56 ASN 56 55 55 ASN ASN A . n 
A 1 57 ALA 57 56 56 ALA ALA A . n 
A 1 58 GLY 58 57 57 GLY GLY A . n 
A 1 59 ALA 59 58 58 ALA ALA A . n 
A 1 60 VAL 60 59 59 VAL VAL A . n 
A 1 61 SER 61 60 60 SER SER A . n 
A 1 62 ALA 62 61 61 ALA ALA A . n 
A 1 63 VAL 63 62 62 VAL VAL A . n 
A 1 64 MET 64 63 63 MET MET A . n 
A 1 65 LYS 65 64 64 LYS LYS A . n 
A 1 66 THR 66 65 65 THR THR A . n 
A 1 67 ILE 67 66 66 ILE ILE A . n 
A 1 68 ARG 68 67 67 ARG ARG A . n 
A 1 69 ILE 69 68 68 ILE ILE A . n 
A 1 70 PHE 70 69 69 PHE PHE A . n 
A 1 71 GLN 71 70 70 GLN GLN A . n 
A 1 72 LYS 72 71 71 LYS LYS A . n 
A 1 73 LEU 73 72 72 LEU LEU A . n 
A 1 74 ASN 74 73 73 ASN ASN A . n 
A 1 75 TYR 75 74 74 TYR TYR A . n 
A 1 76 MET 76 75 75 MET MET A . n 
A 1 77 LEU 77 76 76 LEU LEU A . n 
A 1 78 LEU 78 77 77 LEU LEU A . n 
A 1 79 ALA 79 78 78 ALA ALA A . n 
A 1 80 LYS 80 79 79 LYS LYS A . n 
A 1 81 ARG 81 80 80 ARG ARG A . n 
A 1 82 LEU 82 81 81 LEU LEU A . n 
A 1 83 GLN 83 82 82 GLN GLN A . n 
A 1 84 GLU 84 83 83 GLU GLU A . n 
A 1 85 GLU 85 84 84 GLU GLU A . n 
A 1 86 LYS 86 85 85 LYS LYS A . n 
A 1 87 GLU 87 86 86 GLU GLU A . n 
A 1 88 LYS 88 87 87 LYS LYS A . n 
A 1 89 VAL 89 88 88 VAL VAL A . n 
A 1 90 ASP 90 89 89 ASP ASP A . n 
A 1 91 LYS 91 90 90 LYS LYS A . n 
A 1 92 GLN 92 91 91 GLN GLN A . n 
A 1 93 TYR 93 92 92 TYR TYR A . n 
A 1 94 LYS 94 93 93 LYS LYS A . n 
# 
loop_
_pdbx_nonpoly_scheme.asym_id 
_pdbx_nonpoly_scheme.entity_id 
_pdbx_nonpoly_scheme.mon_id 
_pdbx_nonpoly_scheme.ndb_seq_num 
_pdbx_nonpoly_scheme.pdb_seq_num 
_pdbx_nonpoly_scheme.auth_seq_num 
_pdbx_nonpoly_scheme.pdb_mon_id 
_pdbx_nonpoly_scheme.auth_mon_id 
_pdbx_nonpoly_scheme.pdb_strand_id 
_pdbx_nonpoly_scheme.pdb_ins_code 
B 2 HOH 1  101 1   HOH HOH A . 
B 2 HOH 2  102 2   HOH HOH A . 
B 2 HOH 3  103 3   HOH HOH A . 
B 2 HOH 4  104 5   HOH HOH A . 
B 2 HOH 5  105 6   HOH HOH A . 
B 2 HOH 6  106 7   HOH HOH A . 
B 2 HOH 7  107 8   HOH HOH A . 
B 2 HOH 8  108 9   HOH HOH A . 
B 2 HOH 9  109 10  HOH HOH A . 
B 2 HOH 10 110 11  HOH HOH A . 
B 2 HOH 11 111 12  HOH HOH A . 
B 2 HOH 12 112 13  HOH HOH A . 
B 2 HOH 13 113 14  HOH HOH A . 
B 2 HOH 14 114 15  HOH HOH A . 
B 2 HOH 15 115 16  HOH HOH A . 
B 2 HOH 16 116 17  HOH HOH A . 
B 2 HOH 17 117 18  HOH HOH A . 
B 2 HOH 18 118 19  HOH HOH A . 
B 2 HOH 19 119 20  HOH HOH A . 
B 2 HOH 20 120 21  HOH HOH A . 
B 2 HOH 21 121 22  HOH HOH A . 
B 2 HOH 22 122 23  HOH HOH A . 
B 2 HOH 23 123 24  HOH HOH A . 
B 2 HOH 24 124 25  HOH HOH A . 
B 2 HOH 25 125 26  HOH HOH A . 
B 2 HOH 26 126 27  HOH HOH A . 
B 2 HOH 27 127 28  HOH HOH A . 
B 2 HOH 28 128 29  HOH HOH A . 
B 2 HOH 29 129 30  HOH HOH A . 
B 2 HOH 30 130 31  HOH HOH A . 
B 2 HOH 31 131 32  HOH HOH A . 
B 2 HOH 32 132 34  HOH HOH A . 
B 2 HOH 33 133 35  HOH HOH A . 
B 2 HOH 34 134 36  HOH HOH A . 
B 2 HOH 35 135 37  HOH HOH A . 
B 2 HOH 36 136 38  HOH HOH A . 
B 2 HOH 37 137 39  HOH HOH A . 
B 2 HOH 38 138 40  HOH HOH A . 
B 2 HOH 39 139 41  HOH HOH A . 
B 2 HOH 40 140 42  HOH HOH A . 
B 2 HOH 41 141 43  HOH HOH A . 
B 2 HOH 42 142 44  HOH HOH A . 
B 2 HOH 43 143 45  HOH HOH A . 
B 2 HOH 44 144 46  HOH HOH A . 
B 2 HOH 45 145 47  HOH HOH A . 
B 2 HOH 46 146 48  HOH HOH A . 
B 2 HOH 47 147 49  HOH HOH A . 
B 2 HOH 48 148 50  HOH HOH A . 
B 2 HOH 49 149 51  HOH HOH A . 
B 2 HOH 50 150 52  HOH HOH A . 
B 2 HOH 51 151 53  HOH HOH A . 
B 2 HOH 52 152 54  HOH HOH A . 
B 2 HOH 53 153 55  HOH HOH A . 
B 2 HOH 54 154 56  HOH HOH A . 
B 2 HOH 55 155 57  HOH HOH A . 
B 2 HOH 56 156 58  HOH HOH A . 
B 2 HOH 57 157 59  HOH HOH A . 
B 2 HOH 58 158 60  HOH HOH A . 
B 2 HOH 59 159 61  HOH HOH A . 
B 2 HOH 60 160 62  HOH HOH A . 
B 2 HOH 61 161 63  HOH HOH A . 
B 2 HOH 62 162 65  HOH HOH A . 
B 2 HOH 63 163 66  HOH HOH A . 
B 2 HOH 64 164 68  HOH HOH A . 
B 2 HOH 65 165 69  HOH HOH A . 
B 2 HOH 66 166 70  HOH HOH A . 
B 2 HOH 67 167 71  HOH HOH A . 
B 2 HOH 68 168 72  HOH HOH A . 
B 2 HOH 69 169 73  HOH HOH A . 
B 2 HOH 70 170 74  HOH HOH A . 
B 2 HOH 71 171 75  HOH HOH A . 
B 2 HOH 72 172 76  HOH HOH A . 
B 2 HOH 73 173 78  HOH HOH A . 
B 2 HOH 74 174 79  HOH HOH A . 
B 2 HOH 75 175 82  HOH HOH A . 
B 2 HOH 76 176 83  HOH HOH A . 
B 2 HOH 77 177 84  HOH HOH A . 
B 2 HOH 78 178 85  HOH HOH A . 
B 2 HOH 79 179 86  HOH HOH A . 
B 2 HOH 80 180 88  HOH HOH A . 
B 2 HOH 81 181 89  HOH HOH A . 
B 2 HOH 82 182 90  HOH HOH A . 
B 2 HOH 83 183 92  HOH HOH A . 
B 2 HOH 84 184 93  HOH HOH A . 
B 2 HOH 85 185 94  HOH HOH A . 
B 2 HOH 86 186 95  HOH HOH A . 
B 2 HOH 87 187 96  HOH HOH A . 
B 2 HOH 88 188 97  HOH HOH A . 
B 2 HOH 89 189 98  HOH HOH A . 
B 2 HOH 90 190 99  HOH HOH A . 
B 2 HOH 91 191 100 HOH HOH A . 
# 
loop_
_pdbx_unobs_or_zero_occ_atoms.id 
_pdbx_unobs_or_zero_occ_atoms.PDB_model_num 
_pdbx_unobs_or_zero_occ_atoms.polymer_flag 
_pdbx_unobs_or_zero_occ_atoms.occupancy_flag 
_pdbx_unobs_or_zero_occ_atoms.auth_asym_id 
_pdbx_unobs_or_zero_occ_atoms.auth_comp_id 
_pdbx_unobs_or_zero_occ_atoms.auth_seq_id 
_pdbx_unobs_or_zero_occ_atoms.PDB_ins_code 
_pdbx_unobs_or_zero_occ_atoms.auth_atom_id 
_pdbx_unobs_or_zero_occ_atoms.label_alt_id 
_pdbx_unobs_or_zero_occ_atoms.label_asym_id 
_pdbx_unobs_or_zero_occ_atoms.label_comp_id 
_pdbx_unobs_or_zero_occ_atoms.label_seq_id 
_pdbx_unobs_or_zero_occ_atoms.label_atom_id 
1  1 Y 1 A GLU 7  ? CG  ? A GLU 8  CG  
2  1 Y 1 A GLU 7  ? CD  ? A GLU 8  CD  
3  1 Y 1 A GLU 7  ? OE1 ? A GLU 8  OE1 
4  1 Y 1 A GLU 7  ? OE2 ? A GLU 8  OE2 
5  1 Y 1 A LYS 79 ? CG  ? A LYS 80 CG  
6  1 Y 1 A LYS 79 ? CD  ? A LYS 80 CD  
7  1 Y 1 A LYS 79 ? CE  ? A LYS 80 CE  
8  1 Y 1 A LYS 79 ? NZ  ? A LYS 80 NZ  
9  1 Y 1 A LYS 87 ? CG  ? A LYS 88 CG  
10 1 Y 1 A LYS 87 ? CD  ? A LYS 88 CD  
11 1 Y 1 A LYS 87 ? CE  ? A LYS 88 CE  
12 1 Y 1 A LYS 87 ? NZ  ? A LYS 88 NZ  
13 1 Y 1 A LYS 90 ? CG  ? A LYS 91 CG  
14 1 Y 1 A LYS 90 ? CD  ? A LYS 91 CD  
15 1 Y 1 A LYS 90 ? CE  ? A LYS 91 CE  
16 1 Y 1 A LYS 90 ? NZ  ? A LYS 91 NZ  
17 1 Y 1 A LYS 93 ? CG  ? A LYS 94 CG  
18 1 Y 1 A LYS 93 ? CD  ? A LYS 94 CD  
19 1 Y 1 A LYS 93 ? CE  ? A LYS 94 CE  
20 1 Y 1 A LYS 93 ? NZ  ? A LYS 94 NZ  
# 
loop_
_software.pdbx_ordinal 
_software.name 
_software.version 
_software.date 
_software.type 
_software.contact_author 
_software.contact_author_email 
_software.classification 
_software.location 
_software.language 
_software.citation_id 
1 PHENIX      1.8.4_1496 ?               ?       ?                    ?                        refinement        ? ?          ? 
2 PDB_EXTRACT 3.14       'Dec. 10, 2013' package PDB                  deposit@deposit.rcsb.org 'data extraction' 
http://sw-tools.pdb.org/apps/PDB_EXTRACT/    C++        ? 
3 CBASS       .          ?               ?       ?                    ?                        'data collection' ? ?          ? 
4 XDS         .          ?               ?       ?                    ?                        'data reduction'  ? ?          ? 
5 SCALA       .          ?               ?       ?                    ?                        'data scaling'    ? ?          ? 
6 MOLREP      .          ?               ?       ?                    ?                        phasing           ? ?          ? 
7 REFMAC      .          ?               program 'Garib N. Murshudov' garib@ysbl.york.ac.uk    refinement        
http://www.ccp4.ac.uk/dist/html/refmac5.html Fortran_77 ? 
# 
_cell.length_a           29.940 
_cell.length_b           37.950 
_cell.length_c           76.950 
_cell.angle_alpha        90.000 
_cell.angle_beta         90.000 
_cell.angle_gamma        90.000 
_cell.entry_id           4O7Q 
_cell.pdbx_unique_axis   ? 
_cell.Z_PDB              4 
_cell.length_a_esd       ? 
_cell.length_b_esd       ? 
_cell.length_c_esd       ? 
_cell.angle_alpha_esd    ? 
_cell.angle_beta_esd     ? 
_cell.angle_gamma_esd    ? 
# 
_symmetry.space_group_name_H-M             'P 21 21 21' 
_symmetry.entry_id                         4O7Q 
_symmetry.pdbx_full_space_group_name_H-M   ? 
_symmetry.Int_Tables_number                19 
_symmetry.cell_setting                     ? 
_symmetry.space_group_name_Hall            ? 
# 
_exptl.crystals_number   1 
_exptl.entry_id          4O7Q 
_exptl.method            'X-RAY DIFFRACTION' 
# 
_exptl_crystal.id                    1 
_exptl_crystal.density_Matthews      2.02 
_exptl_crystal.density_meas          ? 
_exptl_crystal.density_percent_sol   39.00 
_exptl_crystal.description           ? 
_exptl_crystal.F_000                 ? 
_exptl_crystal.preparation           ? 
# 
_exptl_crystal_grow.crystal_id      1 
_exptl_crystal_grow.method          'VAPOR DIFFUSION, HANGING DROP' 
_exptl_crystal_grow.pH              4.7 
_exptl_crystal_grow.temp            289 
_exptl_crystal_grow.temp_details    ? 
_exptl_crystal_grow.pdbx_details    
'0.2 M CaCl2, 0.1 M Sodium Acetate, and 23 % PEG3350, pH 4.7, VAPOR DIFFUSION, HANGING DROP, temperature 289K' 
_exptl_crystal_grow.pdbx_pH_range   ? 
# 
_diffrn.id                     1 
_diffrn.ambient_temp           100 
_diffrn.ambient_temp_details   ? 
_diffrn.crystal_id             1 
# 
_diffrn_detector.diffrn_id              1 
_diffrn_detector.detector               CCD 
_diffrn_detector.type                   'ADSC QUANTUM 315r' 
_diffrn_detector.pdbx_collection_date   2010-08-11 
_diffrn_detector.details                ? 
# 
_diffrn_radiation.diffrn_id                        1 
_diffrn_radiation.wavelength_id                    1 
_diffrn_radiation.pdbx_diffrn_protocol             'SINGLE WAVELENGTH' 
_diffrn_radiation.monochromator                    'Si 111 CHANNEL' 
_diffrn_radiation.pdbx_monochromatic_or_laue_m_l   M 
_diffrn_radiation.pdbx_scattering_type             x-ray 
# 
_diffrn_radiation_wavelength.id           1 
_diffrn_radiation_wavelength.wavelength   . 
_diffrn_radiation_wavelength.wt           1.0 
# 
_diffrn_source.diffrn_id                   1 
_diffrn_source.source                      SYNCHROTRON 
_diffrn_source.type                        'NSLS BEAMLINE X29A' 
_diffrn_source.pdbx_wavelength             ? 
_diffrn_source.pdbx_wavelength_list        ? 
_diffrn_source.pdbx_synchrotron_site       NSLS 
_diffrn_source.pdbx_synchrotron_beamline   X29A 
# 
_reflns.entry_id                     4O7Q 
_reflns.observed_criterion_sigma_F   1 
_reflns.observed_criterion_sigma_I   1 
_reflns.d_resolution_high            1.82 
_reflns.d_resolution_low             34 
_reflns.number_all                   79610 
_reflns.number_obs                   7526 
_reflns.percent_possible_obs         90 
_reflns.pdbx_Rmerge_I_obs            0.057 
_reflns.pdbx_Rsym_value              0.062 
_reflns.pdbx_netI_over_sigmaI        29.7 
_reflns.B_iso_Wilson_estimate        18.2 
_reflns.pdbx_redundancy              10.6 
_reflns.R_free_details               ? 
_reflns.limit_h_max                  ? 
_reflns.limit_h_min                  ? 
_reflns.limit_k_max                  ? 
_reflns.limit_k_min                  ? 
_reflns.limit_l_max                  ? 
_reflns.limit_l_min                  ? 
_reflns.observed_criterion_F_max     ? 
_reflns.observed_criterion_F_min     ? 
_reflns.pdbx_chi_squared             ? 
_reflns.pdbx_scaling_rejects         ? 
_reflns.pdbx_ordinal                 1 
_reflns.pdbx_diffrn_id               1 
# 
_reflns_shell.d_res_high             1.82 
_reflns_shell.d_res_low              1.87 
_reflns_shell.percent_possible_obs   ? 
_reflns_shell.percent_possible_all   51 
_reflns_shell.Rmerge_I_obs           0.67 
_reflns_shell.meanI_over_sigI_obs    3.1 
_reflns_shell.pdbx_Rsym_value        ? 
_reflns_shell.pdbx_redundancy        9.2 
_reflns_shell.number_unique_all      ? 
_reflns_shell.number_measured_all    ? 
_reflns_shell.number_measured_obs    ? 
_reflns_shell.number_unique_obs      ? 
_reflns_shell.pdbx_chi_squared       ? 
_reflns_shell.pdbx_ordinal           1 
_reflns_shell.pdbx_diffrn_id         1 
# 
_refine.entry_id                                 4O7Q 
_refine.ls_d_res_high                            1.8200 
_refine.ls_d_res_low                             27.9020 
_refine.pdbx_ls_sigma_F                          1.420 
_refine.pdbx_data_cutoff_high_absF               ? 
_refine.pdbx_data_cutoff_low_absF                ? 
_refine.ls_percent_reflns_obs                    90.2100 
_refine.ls_number_reflns_obs                     7497 
_refine.ls_number_reflns_all                     ? 
_refine.pdbx_ls_cross_valid_method               ? 
_refine.pdbx_R_Free_selection_details            random 
_refine.details                                  ? 
_refine.ls_R_factor_all                          ? 
_refine.ls_R_factor_obs                          0.1805 
_refine.ls_R_factor_R_work                       0.1778 
_refine.ls_wR_factor_R_work                      ? 
_refine.ls_R_factor_R_free                       0.2378 
_refine.ls_wR_factor_R_free                      ? 
_refine.ls_percent_reflns_R_free                 4.5700 
_refine.ls_number_reflns_R_free                  344 
_refine.ls_R_factor_R_free_error                 ? 
_refine.B_iso_mean                               19.9789 
_refine.solvent_model_param_bsol                 ? 
_refine.solvent_model_param_ksol                 ? 
_refine.pdbx_isotropic_thermal_model             ? 
_refine.aniso_B[1][1]                            ? 
_refine.aniso_B[2][2]                            ? 
_refine.aniso_B[3][3]                            ? 
_refine.aniso_B[1][2]                            ? 
_refine.aniso_B[1][3]                            ? 
_refine.aniso_B[2][3]                            ? 
_refine.correlation_coeff_Fo_to_Fc               ? 
_refine.correlation_coeff_Fo_to_Fc_free          ? 
_refine.overall_SU_R_Cruickshank_DPI             ? 
_refine.overall_SU_R_free                        ? 
_refine.pdbx_overall_ESU_R                       ? 
_refine.pdbx_overall_ESU_R_Free                  ? 
_refine.overall_SU_ML                            0.2200 
_refine.overall_SU_B                             ? 
_refine.solvent_model_details                    'FLAT BULK SOLVENT MODEL' 
_refine.pdbx_solvent_vdw_probe_radii             1.1100 
_refine.pdbx_solvent_ion_probe_radii             ? 
_refine.pdbx_solvent_shrinkage_radii             0.9000 
_refine.ls_number_parameters                     ? 
_refine.ls_number_restraints                     ? 
_refine.pdbx_starting_model                      'combined model' 
_refine.pdbx_method_to_determine_struct          'MOLECULAR REPLACEMENT' 
_refine.pdbx_stereochemistry_target_values       ML 
_refine.pdbx_stereochem_target_val_spec_case     ? 
_refine.overall_FOM_work_R_set                   ? 
_refine.B_iso_max                                58.560 
_refine.B_iso_min                                6.250 
_refine.pdbx_overall_phase_error                 26.2200 
_refine.occupancy_max                            1.000 
_refine.occupancy_min                            1.000 
_refine.pdbx_ls_sigma_I                          ? 
_refine.ls_redundancy_reflns_obs                 ? 
_refine.ls_R_factor_R_free_error_details         ? 
_refine.pdbx_data_cutoff_high_rms_absF           ? 
_refine.overall_FOM_free_R_set                   ? 
_refine.pdbx_diffrn_id                           1 
_refine.pdbx_refine_id                           'X-RAY DIFFRACTION' 
_refine.pdbx_TLS_residual_ADP_flag               ? 
_refine.pdbx_overall_SU_R_free_Cruickshank_DPI   ? 
_refine.pdbx_overall_SU_R_Blow_DPI               ? 
_refine.pdbx_overall_SU_R_free_Blow_DPI          ? 
# 
_refine_hist.pdbx_refine_id                   'X-RAY DIFFRACTION' 
_refine_hist.cycle_id                         LAST 
_refine_hist.pdbx_number_atoms_protein        739 
_refine_hist.pdbx_number_atoms_nucleic_acid   0 
_refine_hist.pdbx_number_atoms_ligand         0 
_refine_hist.number_atoms_solvent             91 
_refine_hist.number_atoms_total               830 
_refine_hist.d_res_high                       1.8200 
_refine_hist.d_res_low                        27.9020 
# 
loop_
_refine_ls_restr.type 
_refine_ls_restr.dev_ideal 
_refine_ls_restr.dev_ideal_target 
_refine_ls_restr.number 
_refine_ls_restr.weight 
_refine_ls_restr.pdbx_restraint_function 
_refine_ls_restr.pdbx_refine_id 
f_bond_d  0.006 ? 746  ? ? 'X-RAY DIFFRACTION' 
f_angle_d 0.828 ? 1003 ? ? 'X-RAY DIFFRACTION' 
# 
_struct.entry_id                  4O7Q 
_struct.title                     
'Crystal Structure of the F27G AIM2 Pyrin Domain Mutant and Similarities of its Self-association to DED/DED Interactions' 
_struct.pdbx_model_details        ? 
_struct.pdbx_CASP_flag            ? 
_struct.pdbx_model_type_details   ? 
# 
_struct_keywords.entry_id        4O7Q 
_struct_keywords.pdbx_keywords   'SIGNALING PROTEIN, apoptosis' 
_struct_keywords.text            'PYD/DD, SIGNAL TRANSDUCTION, INFLAMMASOME, SIGNALING PROTEIN, apoptosis' 
# 
loop_
_struct_asym.id 
_struct_asym.pdbx_blank_PDB_chainid_flag 
_struct_asym.pdbx_modified 
_struct_asym.entity_id 
_struct_asym.details 
A N N 1 ? 
B N N 2 ? 
# 
_struct_ref.id                         1 
_struct_ref.db_name                    UNP 
_struct_ref.db_code                    AIM2_HUMAN 
_struct_ref.pdbx_db_accession          O14862 
_struct_ref.entity_id                  1 
_struct_ref.pdbx_seq_one_letter_code   
;MESKYKEILLLTGLDNITDEELDRFKFFLSDEFNIATGKLHTANRIQVATLMIQNAGAVSAVMKTIRIFQKLNYMLLAKR
LQEEKEKVDKQYK
;
_struct_ref.pdbx_align_begin           1 
_struct_ref.pdbx_db_isoform            ? 
# 
_struct_ref_seq.align_id                      1 
_struct_ref_seq.ref_id                        1 
_struct_ref_seq.pdbx_PDB_id_code              4O7Q 
_struct_ref_seq.pdbx_strand_id                A 
_struct_ref_seq.seq_align_beg                 2 
_struct_ref_seq.pdbx_seq_align_beg_ins_code   ? 
_struct_ref_seq.seq_align_end                 94 
_struct_ref_seq.pdbx_seq_align_end_ins_code   ? 
_struct_ref_seq.pdbx_db_accession             O14862 
_struct_ref_seq.db_align_beg                  1 
_struct_ref_seq.pdbx_db_align_beg_ins_code    ? 
_struct_ref_seq.db_align_end                  93 
_struct_ref_seq.pdbx_db_align_end_ins_code    ? 
_struct_ref_seq.pdbx_auth_seq_align_beg       1 
_struct_ref_seq.pdbx_auth_seq_align_end       93 
# 
loop_
_struct_ref_seq_dif.align_id 
_struct_ref_seq_dif.pdbx_pdb_id_code 
_struct_ref_seq_dif.mon_id 
_struct_ref_seq_dif.pdbx_pdb_strand_id 
_struct_ref_seq_dif.seq_num 
_struct_ref_seq_dif.pdbx_pdb_ins_code 
_struct_ref_seq_dif.pdbx_seq_db_name 
_struct_ref_seq_dif.pdbx_seq_db_accession_code 
_struct_ref_seq_dif.db_mon_id 
_struct_ref_seq_dif.pdbx_seq_db_seq_num 
_struct_ref_seq_dif.details 
_struct_ref_seq_dif.pdbx_auth_seq_num 
_struct_ref_seq_dif.pdbx_ordinal 
1 4O7Q ALA A 1  ? UNP O14862 ?   ?  'expression tag'      0  1 
1 4O7Q GLY A 28 ? UNP O14862 PHE 27 'engineered mutation' 27 2 
# 
_pdbx_struct_assembly.id                   1 
_pdbx_struct_assembly.details              author_and_software_defined_assembly 
_pdbx_struct_assembly.method_details       PISA 
_pdbx_struct_assembly.oligomeric_details   monomeric 
_pdbx_struct_assembly.oligomeric_count     1 
# 
_pdbx_struct_assembly_gen.assembly_id       1 
_pdbx_struct_assembly_gen.oper_expression   1 
_pdbx_struct_assembly_gen.asym_id_list      A,B 
# 
_pdbx_struct_oper_list.id                   1 
_pdbx_struct_oper_list.type                 'identity operation' 
_pdbx_struct_oper_list.name                 1_555 
_pdbx_struct_oper_list.symmetry_operation   x,y,z 
_pdbx_struct_oper_list.matrix[1][1]         1.0000000000 
_pdbx_struct_oper_list.matrix[1][2]         0.0000000000 
_pdbx_struct_oper_list.matrix[1][3]         0.0000000000 
_pdbx_struct_oper_list.vector[1]            0.0000000000 
_pdbx_struct_oper_list.matrix[2][1]         0.0000000000 
_pdbx_struct_oper_list.matrix[2][2]         1.0000000000 
_pdbx_struct_oper_list.matrix[2][3]         0.0000000000 
_pdbx_struct_oper_list.vector[2]            0.0000000000 
_pdbx_struct_oper_list.matrix[3][1]         0.0000000000 
_pdbx_struct_oper_list.matrix[3][2]         0.0000000000 
_pdbx_struct_oper_list.matrix[3][3]         1.0000000000 
_pdbx_struct_oper_list.vector[3]            0.0000000000 
# 
loop_
_struct_biol.id 
_struct_biol.details 
4 ? 
1 ? 
# 
loop_
_struct_conf.conf_type_id 
_struct_conf.id 
_struct_conf.pdbx_PDB_helix_id 
_struct_conf.beg_label_comp_id 
_struct_conf.beg_label_asym_id 
_struct_conf.beg_label_seq_id 
_struct_conf.pdbx_beg_PDB_ins_code 
_struct_conf.end_label_comp_id 
_struct_conf.end_label_asym_id 
_struct_conf.end_label_seq_id 
_struct_conf.pdbx_end_PDB_ins_code 
_struct_conf.beg_auth_comp_id 
_struct_conf.beg_auth_asym_id 
_struct_conf.beg_auth_seq_id 
_struct_conf.end_auth_comp_id 
_struct_conf.end_auth_asym_id 
_struct_conf.end_auth_seq_id 
_struct_conf.pdbx_PDB_helix_class 
_struct_conf.details 
_struct_conf.pdbx_PDB_helix_length 
HELX_P HELX_P1 1 ALA A 1  ? THR A 13 ? ALA A 0  THR A 12 1 ? 13 
HELX_P HELX_P2 2 GLY A 14 ? ILE A 18 ? GLY A 13 ILE A 17 5 ? 5  
HELX_P HELX_P3 3 THR A 19 ? SER A 31 ? THR A 18 SER A 30 1 ? 13 
HELX_P HELX_P4 4 ALA A 37 ? HIS A 42 ? ALA A 36 HIS A 41 1 ? 6  
HELX_P HELX_P5 5 ASN A 45 ? GLY A 58 ? ASN A 44 GLY A 57 1 ? 14 
HELX_P HELX_P6 6 GLY A 58 ? LEU A 73 ? GLY A 57 LEU A 72 1 ? 16 
HELX_P HELX_P7 7 TYR A 75 ? TYR A 93 ? TYR A 74 TYR A 92 1 ? 19 
# 
_struct_conf_type.id          HELX_P 
_struct_conf_type.criteria    ? 
_struct_conf_type.reference   ? 
# 
loop_
_chem_comp_atom.comp_id 
_chem_comp_atom.atom_id 
_chem_comp_atom.type_symbol 
_chem_comp_atom.pdbx_aromatic_flag 
_chem_comp_atom.pdbx_stereo_config 
_chem_comp_atom.pdbx_ordinal 
ALA N    N N N 1   
ALA CA   C N S 2   
ALA C    C N N 3   
ALA O    O N N 4   
ALA CB   C N N 5   
ALA OXT  O N N 6   
ALA H    H N N 7   
ALA H2   H N N 8   
ALA HA   H N N 9   
ALA HB1  H N N 10  
ALA HB2  H N N 11  
ALA HB3  H N N 12  
ALA HXT  H N N 13  
ARG N    N N N 14  
ARG CA   C N S 15  
ARG C    C N N 16  
ARG O    O N N 17  
ARG CB   C N N 18  
ARG CG   C N N 19  
ARG CD   C N N 20  
ARG NE   N N N 21  
ARG CZ   C N N 22  
ARG NH1  N N N 23  
ARG NH2  N N N 24  
ARG OXT  O N N 25  
ARG H    H N N 26  
ARG H2   H N N 27  
ARG HA   H N N 28  
ARG HB2  H N N 29  
ARG HB3  H N N 30  
ARG HG2  H N N 31  
ARG HG3  H N N 32  
ARG HD2  H N N 33  
ARG HD3  H N N 34  
ARG HE   H N N 35  
ARG HH11 H N N 36  
ARG HH12 H N N 37  
ARG HH21 H N N 38  
ARG HH22 H N N 39  
ARG HXT  H N N 40  
ASN N    N N N 41  
ASN CA   C N S 42  
ASN C    C N N 43  
ASN O    O N N 44  
ASN CB   C N N 45  
ASN CG   C N N 46  
ASN OD1  O N N 47  
ASN ND2  N N N 48  
ASN OXT  O N N 49  
ASN H    H N N 50  
ASN H2   H N N 51  
ASN HA   H N N 52  
ASN HB2  H N N 53  
ASN HB3  H N N 54  
ASN HD21 H N N 55  
ASN HD22 H N N 56  
ASN HXT  H N N 57  
ASP N    N N N 58  
ASP CA   C N S 59  
ASP C    C N N 60  
ASP O    O N N 61  
ASP CB   C N N 62  
ASP CG   C N N 63  
ASP OD1  O N N 64  
ASP OD2  O N N 65  
ASP OXT  O N N 66  
ASP H    H N N 67  
ASP H2   H N N 68  
ASP HA   H N N 69  
ASP HB2  H N N 70  
ASP HB3  H N N 71  
ASP HD2  H N N 72  
ASP HXT  H N N 73  
GLN N    N N N 74  
GLN CA   C N S 75  
GLN C    C N N 76  
GLN O    O N N 77  
GLN CB   C N N 78  
GLN CG   C N N 79  
GLN CD   C N N 80  
GLN OE1  O N N 81  
GLN NE2  N N N 82  
GLN OXT  O N N 83  
GLN H    H N N 84  
GLN H2   H N N 85  
GLN HA   H N N 86  
GLN HB2  H N N 87  
GLN HB3  H N N 88  
GLN HG2  H N N 89  
GLN HG3  H N N 90  
GLN HE21 H N N 91  
GLN HE22 H N N 92  
GLN HXT  H N N 93  
GLU N    N N N 94  
GLU CA   C N S 95  
GLU C    C N N 96  
GLU O    O N N 97  
GLU CB   C N N 98  
GLU CG   C N N 99  
GLU CD   C N N 100 
GLU OE1  O N N 101 
GLU OE2  O N N 102 
GLU OXT  O N N 103 
GLU H    H N N 104 
GLU H2   H N N 105 
GLU HA   H N N 106 
GLU HB2  H N N 107 
GLU HB3  H N N 108 
GLU HG2  H N N 109 
GLU HG3  H N N 110 
GLU HE2  H N N 111 
GLU HXT  H N N 112 
GLY N    N N N 113 
GLY CA   C N N 114 
GLY C    C N N 115 
GLY O    O N N 116 
GLY OXT  O N N 117 
GLY H    H N N 118 
GLY H2   H N N 119 
GLY HA2  H N N 120 
GLY HA3  H N N 121 
GLY HXT  H N N 122 
HIS N    N N N 123 
HIS CA   C N S 124 
HIS C    C N N 125 
HIS O    O N N 126 
HIS CB   C N N 127 
HIS CG   C Y N 128 
HIS ND1  N Y N 129 
HIS CD2  C Y N 130 
HIS CE1  C Y N 131 
HIS NE2  N Y N 132 
HIS OXT  O N N 133 
HIS H    H N N 134 
HIS H2   H N N 135 
HIS HA   H N N 136 
HIS HB2  H N N 137 
HIS HB3  H N N 138 
HIS HD1  H N N 139 
HIS HD2  H N N 140 
HIS HE1  H N N 141 
HIS HE2  H N N 142 
HIS HXT  H N N 143 
HOH O    O N N 144 
HOH H1   H N N 145 
HOH H2   H N N 146 
ILE N    N N N 147 
ILE CA   C N S 148 
ILE C    C N N 149 
ILE O    O N N 150 
ILE CB   C N S 151 
ILE CG1  C N N 152 
ILE CG2  C N N 153 
ILE CD1  C N N 154 
ILE OXT  O N N 155 
ILE H    H N N 156 
ILE H2   H N N 157 
ILE HA   H N N 158 
ILE HB   H N N 159 
ILE HG12 H N N 160 
ILE HG13 H N N 161 
ILE HG21 H N N 162 
ILE HG22 H N N 163 
ILE HG23 H N N 164 
ILE HD11 H N N 165 
ILE HD12 H N N 166 
ILE HD13 H N N 167 
ILE HXT  H N N 168 
LEU N    N N N 169 
LEU CA   C N S 170 
LEU C    C N N 171 
LEU O    O N N 172 
LEU CB   C N N 173 
LEU CG   C N N 174 
LEU CD1  C N N 175 
LEU CD2  C N N 176 
LEU OXT  O N N 177 
LEU H    H N N 178 
LEU H2   H N N 179 
LEU HA   H N N 180 
LEU HB2  H N N 181 
LEU HB3  H N N 182 
LEU HG   H N N 183 
LEU HD11 H N N 184 
LEU HD12 H N N 185 
LEU HD13 H N N 186 
LEU HD21 H N N 187 
LEU HD22 H N N 188 
LEU HD23 H N N 189 
LEU HXT  H N N 190 
LYS N    N N N 191 
LYS CA   C N S 192 
LYS C    C N N 193 
LYS O    O N N 194 
LYS CB   C N N 195 
LYS CG   C N N 196 
LYS CD   C N N 197 
LYS CE   C N N 198 
LYS NZ   N N N 199 
LYS OXT  O N N 200 
LYS H    H N N 201 
LYS H2   H N N 202 
LYS HA   H N N 203 
LYS HB2  H N N 204 
LYS HB3  H N N 205 
LYS HG2  H N N 206 
LYS HG3  H N N 207 
LYS HD2  H N N 208 
LYS HD3  H N N 209 
LYS HE2  H N N 210 
LYS HE3  H N N 211 
LYS HZ1  H N N 212 
LYS HZ2  H N N 213 
LYS HZ3  H N N 214 
LYS HXT  H N N 215 
MET N    N N N 216 
MET CA   C N S 217 
MET C    C N N 218 
MET O    O N N 219 
MET CB   C N N 220 
MET CG   C N N 221 
MET SD   S N N 222 
MET CE   C N N 223 
MET OXT  O N N 224 
MET H    H N N 225 
MET H2   H N N 226 
MET HA   H N N 227 
MET HB2  H N N 228 
MET HB3  H N N 229 
MET HG2  H N N 230 
MET HG3  H N N 231 
MET HE1  H N N 232 
MET HE2  H N N 233 
MET HE3  H N N 234 
MET HXT  H N N 235 
PHE N    N N N 236 
PHE CA   C N S 237 
PHE C    C N N 238 
PHE O    O N N 239 
PHE CB   C N N 240 
PHE CG   C Y N 241 
PHE CD1  C Y N 242 
PHE CD2  C Y N 243 
PHE CE1  C Y N 244 
PHE CE2  C Y N 245 
PHE CZ   C Y N 246 
PHE OXT  O N N 247 
PHE H    H N N 248 
PHE H2   H N N 249 
PHE HA   H N N 250 
PHE HB2  H N N 251 
PHE HB3  H N N 252 
PHE HD1  H N N 253 
PHE HD2  H N N 254 
PHE HE1  H N N 255 
PHE HE2  H N N 256 
PHE HZ   H N N 257 
PHE HXT  H N N 258 
SER N    N N N 259 
SER CA   C N S 260 
SER C    C N N 261 
SER O    O N N 262 
SER CB   C N N 263 
SER OG   O N N 264 
SER OXT  O N N 265 
SER H    H N N 266 
SER H2   H N N 267 
SER HA   H N N 268 
SER HB2  H N N 269 
SER HB3  H N N 270 
SER HG   H N N 271 
SER HXT  H N N 272 
THR N    N N N 273 
THR CA   C N S 274 
THR C    C N N 275 
THR O    O N N 276 
THR CB   C N R 277 
THR OG1  O N N 278 
THR CG2  C N N 279 
THR OXT  O N N 280 
THR H    H N N 281 
THR H2   H N N 282 
THR HA   H N N 283 
THR HB   H N N 284 
THR HG1  H N N 285 
THR HG21 H N N 286 
THR HG22 H N N 287 
THR HG23 H N N 288 
THR HXT  H N N 289 
TYR N    N N N 290 
TYR CA   C N S 291 
TYR C    C N N 292 
TYR O    O N N 293 
TYR CB   C N N 294 
TYR CG   C Y N 295 
TYR CD1  C Y N 296 
TYR CD2  C Y N 297 
TYR CE1  C Y N 298 
TYR CE2  C Y N 299 
TYR CZ   C Y N 300 
TYR OH   O N N 301 
TYR OXT  O N N 302 
TYR H    H N N 303 
TYR H2   H N N 304 
TYR HA   H N N 305 
TYR HB2  H N N 306 
TYR HB3  H N N 307 
TYR HD1  H N N 308 
TYR HD2  H N N 309 
TYR HE1  H N N 310 
TYR HE2  H N N 311 
TYR HH   H N N 312 
TYR HXT  H N N 313 
VAL N    N N N 314 
VAL CA   C N S 315 
VAL C    C N N 316 
VAL O    O N N 317 
VAL CB   C N N 318 
VAL CG1  C N N 319 
VAL CG2  C N N 320 
VAL OXT  O N N 321 
VAL H    H N N 322 
VAL H2   H N N 323 
VAL HA   H N N 324 
VAL HB   H N N 325 
VAL HG11 H N N 326 
VAL HG12 H N N 327 
VAL HG13 H N N 328 
VAL HG21 H N N 329 
VAL HG22 H N N 330 
VAL HG23 H N N 331 
VAL HXT  H N N 332 
# 
loop_
_chem_comp_bond.comp_id 
_chem_comp_bond.atom_id_1 
_chem_comp_bond.atom_id_2 
_chem_comp_bond.value_order 
_chem_comp_bond.pdbx_aromatic_flag 
_chem_comp_bond.pdbx_stereo_config 
_chem_comp_bond.pdbx_ordinal 
ALA N   CA   sing N N 1   
ALA N   H    sing N N 2   
ALA N   H2   sing N N 3   
ALA CA  C    sing N N 4   
ALA CA  CB   sing N N 5   
ALA CA  HA   sing N N 6   
ALA C   O    doub N N 7   
ALA C   OXT  sing N N 8   
ALA CB  HB1  sing N N 9   
ALA CB  HB2  sing N N 10  
ALA CB  HB3  sing N N 11  
ALA OXT HXT  sing N N 12  
ARG N   CA   sing N N 13  
ARG N   H    sing N N 14  
ARG N   H2   sing N N 15  
ARG CA  C    sing N N 16  
ARG CA  CB   sing N N 17  
ARG CA  HA   sing N N 18  
ARG C   O    doub N N 19  
ARG C   OXT  sing N N 20  
ARG CB  CG   sing N N 21  
ARG CB  HB2  sing N N 22  
ARG CB  HB3  sing N N 23  
ARG CG  CD   sing N N 24  
ARG CG  HG2  sing N N 25  
ARG CG  HG3  sing N N 26  
ARG CD  NE   sing N N 27  
ARG CD  HD2  sing N N 28  
ARG CD  HD3  sing N N 29  
ARG NE  CZ   sing N N 30  
ARG NE  HE   sing N N 31  
ARG CZ  NH1  sing N N 32  
ARG CZ  NH2  doub N N 33  
ARG NH1 HH11 sing N N 34  
ARG NH1 HH12 sing N N 35  
ARG NH2 HH21 sing N N 36  
ARG NH2 HH22 sing N N 37  
ARG OXT HXT  sing N N 38  
ASN N   CA   sing N N 39  
ASN N   H    sing N N 40  
ASN N   H2   sing N N 41  
ASN CA  C    sing N N 42  
ASN CA  CB   sing N N 43  
ASN CA  HA   sing N N 44  
ASN C   O    doub N N 45  
ASN C   OXT  sing N N 46  
ASN CB  CG   sing N N 47  
ASN CB  HB2  sing N N 48  
ASN CB  HB3  sing N N 49  
ASN CG  OD1  doub N N 50  
ASN CG  ND2  sing N N 51  
ASN ND2 HD21 sing N N 52  
ASN ND2 HD22 sing N N 53  
ASN OXT HXT  sing N N 54  
ASP N   CA   sing N N 55  
ASP N   H    sing N N 56  
ASP N   H2   sing N N 57  
ASP CA  C    sing N N 58  
ASP CA  CB   sing N N 59  
ASP CA  HA   sing N N 60  
ASP C   O    doub N N 61  
ASP C   OXT  sing N N 62  
ASP CB  CG   sing N N 63  
ASP CB  HB2  sing N N 64  
ASP CB  HB3  sing N N 65  
ASP CG  OD1  doub N N 66  
ASP CG  OD2  sing N N 67  
ASP OD2 HD2  sing N N 68  
ASP OXT HXT  sing N N 69  
GLN N   CA   sing N N 70  
GLN N   H    sing N N 71  
GLN N   H2   sing N N 72  
GLN CA  C    sing N N 73  
GLN CA  CB   sing N N 74  
GLN CA  HA   sing N N 75  
GLN C   O    doub N N 76  
GLN C   OXT  sing N N 77  
GLN CB  CG   sing N N 78  
GLN CB  HB2  sing N N 79  
GLN CB  HB3  sing N N 80  
GLN CG  CD   sing N N 81  
GLN CG  HG2  sing N N 82  
GLN CG  HG3  sing N N 83  
GLN CD  OE1  doub N N 84  
GLN CD  NE2  sing N N 85  
GLN NE2 HE21 sing N N 86  
GLN NE2 HE22 sing N N 87  
GLN OXT HXT  sing N N 88  
GLU N   CA   sing N N 89  
GLU N   H    sing N N 90  
GLU N   H2   sing N N 91  
GLU CA  C    sing N N 92  
GLU CA  CB   sing N N 93  
GLU CA  HA   sing N N 94  
GLU C   O    doub N N 95  
GLU C   OXT  sing N N 96  
GLU CB  CG   sing N N 97  
GLU CB  HB2  sing N N 98  
GLU CB  HB3  sing N N 99  
GLU CG  CD   sing N N 100 
GLU CG  HG2  sing N N 101 
GLU CG  HG3  sing N N 102 
GLU CD  OE1  doub N N 103 
GLU CD  OE2  sing N N 104 
GLU OE2 HE2  sing N N 105 
GLU OXT HXT  sing N N 106 
GLY N   CA   sing N N 107 
GLY N   H    sing N N 108 
GLY N   H2   sing N N 109 
GLY CA  C    sing N N 110 
GLY CA  HA2  sing N N 111 
GLY CA  HA3  sing N N 112 
GLY C   O    doub N N 113 
GLY C   OXT  sing N N 114 
GLY OXT HXT  sing N N 115 
HIS N   CA   sing N N 116 
HIS N   H    sing N N 117 
HIS N   H2   sing N N 118 
HIS CA  C    sing N N 119 
HIS CA  CB   sing N N 120 
HIS CA  HA   sing N N 121 
HIS C   O    doub N N 122 
HIS C   OXT  sing N N 123 
HIS CB  CG   sing N N 124 
HIS CB  HB2  sing N N 125 
HIS CB  HB3  sing N N 126 
HIS CG  ND1  sing Y N 127 
HIS CG  CD2  doub Y N 128 
HIS ND1 CE1  doub Y N 129 
HIS ND1 HD1  sing N N 130 
HIS CD2 NE2  sing Y N 131 
HIS CD2 HD2  sing N N 132 
HIS CE1 NE2  sing Y N 133 
HIS CE1 HE1  sing N N 134 
HIS NE2 HE2  sing N N 135 
HIS OXT HXT  sing N N 136 
HOH O   H1   sing N N 137 
HOH O   H2   sing N N 138 
ILE N   CA   sing N N 139 
ILE N   H    sing N N 140 
ILE N   H2   sing N N 141 
ILE CA  C    sing N N 142 
ILE CA  CB   sing N N 143 
ILE CA  HA   sing N N 144 
ILE C   O    doub N N 145 
ILE C   OXT  sing N N 146 
ILE CB  CG1  sing N N 147 
ILE CB  CG2  sing N N 148 
ILE CB  HB   sing N N 149 
ILE CG1 CD1  sing N N 150 
ILE CG1 HG12 sing N N 151 
ILE CG1 HG13 sing N N 152 
ILE CG2 HG21 sing N N 153 
ILE CG2 HG22 sing N N 154 
ILE CG2 HG23 sing N N 155 
ILE CD1 HD11 sing N N 156 
ILE CD1 HD12 sing N N 157 
ILE CD1 HD13 sing N N 158 
ILE OXT HXT  sing N N 159 
LEU N   CA   sing N N 160 
LEU N   H    sing N N 161 
LEU N   H2   sing N N 162 
LEU CA  C    sing N N 163 
LEU CA  CB   sing N N 164 
LEU CA  HA   sing N N 165 
LEU C   O    doub N N 166 
LEU C   OXT  sing N N 167 
LEU CB  CG   sing N N 168 
LEU CB  HB2  sing N N 169 
LEU CB  HB3  sing N N 170 
LEU CG  CD1  sing N N 171 
LEU CG  CD2  sing N N 172 
LEU CG  HG   sing N N 173 
LEU CD1 HD11 sing N N 174 
LEU CD1 HD12 sing N N 175 
LEU CD1 HD13 sing N N 176 
LEU CD2 HD21 sing N N 177 
LEU CD2 HD22 sing N N 178 
LEU CD2 HD23 sing N N 179 
LEU OXT HXT  sing N N 180 
LYS N   CA   sing N N 181 
LYS N   H    sing N N 182 
LYS N   H2   sing N N 183 
LYS CA  C    sing N N 184 
LYS CA  CB   sing N N 185 
LYS CA  HA   sing N N 186 
LYS C   O    doub N N 187 
LYS C   OXT  sing N N 188 
LYS CB  CG   sing N N 189 
LYS CB  HB2  sing N N 190 
LYS CB  HB3  sing N N 191 
LYS CG  CD   sing N N 192 
LYS CG  HG2  sing N N 193 
LYS CG  HG3  sing N N 194 
LYS CD  CE   sing N N 195 
LYS CD  HD2  sing N N 196 
LYS CD  HD3  sing N N 197 
LYS CE  NZ   sing N N 198 
LYS CE  HE2  sing N N 199 
LYS CE  HE3  sing N N 200 
LYS NZ  HZ1  sing N N 201 
LYS NZ  HZ2  sing N N 202 
LYS NZ  HZ3  sing N N 203 
LYS OXT HXT  sing N N 204 
MET N   CA   sing N N 205 
MET N   H    sing N N 206 
MET N   H2   sing N N 207 
MET CA  C    sing N N 208 
MET CA  CB   sing N N 209 
MET CA  HA   sing N N 210 
MET C   O    doub N N 211 
MET C   OXT  sing N N 212 
MET CB  CG   sing N N 213 
MET CB  HB2  sing N N 214 
MET CB  HB3  sing N N 215 
MET CG  SD   sing N N 216 
MET CG  HG2  sing N N 217 
MET CG  HG3  sing N N 218 
MET SD  CE   sing N N 219 
MET CE  HE1  sing N N 220 
MET CE  HE2  sing N N 221 
MET CE  HE3  sing N N 222 
MET OXT HXT  sing N N 223 
PHE N   CA   sing N N 224 
PHE N   H    sing N N 225 
PHE N   H2   sing N N 226 
PHE CA  C    sing N N 227 
PHE CA  CB   sing N N 228 
PHE CA  HA   sing N N 229 
PHE C   O    doub N N 230 
PHE C   OXT  sing N N 231 
PHE CB  CG   sing N N 232 
PHE CB  HB2  sing N N 233 
PHE CB  HB3  sing N N 234 
PHE CG  CD1  doub Y N 235 
PHE CG  CD2  sing Y N 236 
PHE CD1 CE1  sing Y N 237 
PHE CD1 HD1  sing N N 238 
PHE CD2 CE2  doub Y N 239 
PHE CD2 HD2  sing N N 240 
PHE CE1 CZ   doub Y N 241 
PHE CE1 HE1  sing N N 242 
PHE CE2 CZ   sing Y N 243 
PHE CE2 HE2  sing N N 244 
PHE CZ  HZ   sing N N 245 
PHE OXT HXT  sing N N 246 
SER N   CA   sing N N 247 
SER N   H    sing N N 248 
SER N   H2   sing N N 249 
SER CA  C    sing N N 250 
SER CA  CB   sing N N 251 
SER CA  HA   sing N N 252 
SER C   O    doub N N 253 
SER C   OXT  sing N N 254 
SER CB  OG   sing N N 255 
SER CB  HB2  sing N N 256 
SER CB  HB3  sing N N 257 
SER OG  HG   sing N N 258 
SER OXT HXT  sing N N 259 
THR N   CA   sing N N 260 
THR N   H    sing N N 261 
THR N   H2   sing N N 262 
THR CA  C    sing N N 263 
THR CA  CB   sing N N 264 
THR CA  HA   sing N N 265 
THR C   O    doub N N 266 
THR C   OXT  sing N N 267 
THR CB  OG1  sing N N 268 
THR CB  CG2  sing N N 269 
THR CB  HB   sing N N 270 
THR OG1 HG1  sing N N 271 
THR CG2 HG21 sing N N 272 
THR CG2 HG22 sing N N 273 
THR CG2 HG23 sing N N 274 
THR OXT HXT  sing N N 275 
TYR N   CA   sing N N 276 
TYR N   H    sing N N 277 
TYR N   H2   sing N N 278 
TYR CA  C    sing N N 279 
TYR CA  CB   sing N N 280 
TYR CA  HA   sing N N 281 
TYR C   O    doub N N 282 
TYR C   OXT  sing N N 283 
TYR CB  CG   sing N N 284 
TYR CB  HB2  sing N N 285 
TYR CB  HB3  sing N N 286 
TYR CG  CD1  doub Y N 287 
TYR CG  CD2  sing Y N 288 
TYR CD1 CE1  sing Y N 289 
TYR CD1 HD1  sing N N 290 
TYR CD2 CE2  doub Y N 291 
TYR CD2 HD2  sing N N 292 
TYR CE1 CZ   doub Y N 293 
TYR CE1 HE1  sing N N 294 
TYR CE2 CZ   sing Y N 295 
TYR CE2 HE2  sing N N 296 
TYR CZ  OH   sing N N 297 
TYR OH  HH   sing N N 298 
TYR OXT HXT  sing N N 299 
VAL N   CA   sing N N 300 
VAL N   H    sing N N 301 
VAL N   H2   sing N N 302 
VAL CA  C    sing N N 303 
VAL CA  CB   sing N N 304 
VAL CA  HA   sing N N 305 
VAL C   O    doub N N 306 
VAL C   OXT  sing N N 307 
VAL CB  CG1  sing N N 308 
VAL CB  CG2  sing N N 309 
VAL CB  HB   sing N N 310 
VAL CG1 HG11 sing N N 311 
VAL CG1 HG12 sing N N 312 
VAL CG1 HG13 sing N N 313 
VAL CG2 HG21 sing N N 314 
VAL CG2 HG22 sing N N 315 
VAL CG2 HG23 sing N N 316 
VAL OXT HXT  sing N N 317 
# 
loop_
_pdbx_initial_refinement_model.accession_code 
_pdbx_initial_refinement_model.id 
_pdbx_initial_refinement_model.entity_id_list 
_pdbx_initial_refinement_model.type 
_pdbx_initial_refinement_model.source_name 
_pdbx_initial_refinement_model.details 
2DO9 1 ? 'experimental model' PDB 'polyalanine model designed using 2DO9, 1UCP, 2KM6, 3QF2, and 1PN5' 
1UCP 2 ? 'experimental model' PDB 'polyalanine model designed using 2DO9, 1UCP, 2KM6, 3QF2, and 1PN5' 
2KM6 3 ? 'experimental model' PDB 'polyalanine model designed using 2DO9, 1UCP, 2KM6, 3QF2, and 1PN5' 
3QF2 4 ? 'experimental model' PDB 'polyalanine model designed using 2DO9, 1UCP, 2KM6, 3QF2, and 1PN5' 
1PN5 5 ? 'experimental model' PDB 'polyalanine model designed using 2DO9, 1UCP, 2KM6, 3QF2, and 1PN5' 
# 
_atom_sites.entry_id                    4O7Q 
_atom_sites.fract_transf_matrix[1][1]   0.02255394 
_atom_sites.fract_transf_matrix[1][2]   -0.00755099 
_atom_sites.fract_transf_matrix[1][3]   0.02344915 
_atom_sites.fract_transf_matrix[2][1]   0.00515010 
_atom_sites.fract_transf_matrix[2][2]   0.02563025 
_atom_sites.fract_transf_matrix[2][3]   0.00329985 
_atom_sites.fract_transf_matrix[3][1]   -0.00924211 
_atom_sites.fract_transf_matrix[3][2]   0.00068425 
_atom_sites.fract_transf_matrix[3][3]   0.00910962 
_atom_sites.fract_transf_vector[1]      -0.127449 
_atom_sites.fract_transf_vector[2]      0.045298 
_atom_sites.fract_transf_vector[3]      -0.081939 
# 
loop_
_atom_type.symbol 
C 
N 
O 
S 
# 
loop_
_atom_site.group_PDB 
_atom_site.id 
_atom_site.type_symbol 
_atom_site.label_atom_id 
_atom_site.label_alt_id 
_atom_site.label_comp_id 
_atom_site.label_asym_id 
_atom_site.label_entity_id 
_atom_site.label_seq_id 
_atom_site.pdbx_PDB_ins_code 
_atom_site.Cartn_x 
_atom_site.Cartn_y 
_atom_site.Cartn_z 
_atom_site.occupancy 
_atom_site.B_iso_or_equiv 
_atom_site.pdbx_formal_charge 
_atom_site.auth_seq_id 
_atom_site.auth_comp_id 
_atom_site.auth_asym_id 
_atom_site.auth_atom_id 
_atom_site.pdbx_PDB_model_num 
ATOM   1   N N   . ALA A 1 1  ? 14.132  11.012  0.354   1.00 30.34 ? 0   ALA A N   1 
ATOM   2   C CA  . ALA A 1 1  ? 14.741  9.692   0.242   1.00 31.33 ? 0   ALA A CA  1 
ATOM   3   C C   . ALA A 1 1  ? 13.827  8.726   -0.504  1.00 31.43 ? 0   ALA A C   1 
ATOM   4   O O   . ALA A 1 1  ? 12.633  8.980   -0.660  1.00 29.74 ? 0   ALA A O   1 
ATOM   5   C CB  . ALA A 1 1  ? 15.082  9.147   1.620   1.00 34.16 ? 0   ALA A CB  1 
ATOM   6   N N   . MET A 1 2  ? 14.397  7.615   -0.962  1.00 28.58 ? 1   MET A N   1 
ATOM   7   C CA  . MET A 1 2  ? 13.642  6.617   -1.685  1.00 32.30 ? 1   MET A CA  1 
ATOM   8   C C   . MET A 1 2  ? 12.493  6.135   -0.802  1.00 30.28 ? 1   MET A C   1 
ATOM   9   O O   . MET A 1 2  ? 11.402  5.853   -1.291  1.00 25.13 ? 1   MET A O   1 
ATOM   10  C CB  . MET A 1 2  ? 14.533  5.452   -2.100  1.00 32.49 ? 1   MET A CB  1 
ATOM   11  C CG  . MET A 1 2  ? 13.794  4.380   -2.874  1.00 36.60 ? 1   MET A CG  1 
ATOM   12  S SD  . MET A 1 2  ? 14.786  2.893   -3.025  1.00 58.56 ? 1   MET A SD  1 
ATOM   13  C CE  . MET A 1 2  ? 15.408  2.745   -1.351  1.00 36.07 ? 1   MET A CE  1 
ATOM   14  N N   . GLU A 1 3  ? 12.750  6.058   0.500   1.00 27.89 ? 2   GLU A N   1 
ATOM   15  C CA  . GLU A 1 3  ? 11.746  5.611   1.457   1.00 30.36 ? 2   GLU A CA  1 
ATOM   16  C C   . GLU A 1 3  ? 10.533  6.537   1.483   1.00 23.39 ? 2   GLU A C   1 
ATOM   17  O O   . GLU A 1 3  ? 9.395   6.085   1.358   1.00 18.83 ? 2   GLU A O   1 
ATOM   18  C CB  . GLU A 1 3  ? 12.353  5.504   2.858   1.00 27.76 ? 2   GLU A CB  1 
ATOM   19  C CG  . GLU A 1 3  ? 13.416  4.426   2.993   1.00 35.94 ? 2   GLU A CG  1 
ATOM   20  C CD  . GLU A 1 3  ? 12.926  3.065   2.540   1.00 33.33 ? 2   GLU A CD  1 
ATOM   21  O OE1 . GLU A 1 3  ? 11.790  2.691   2.901   1.00 40.37 ? 2   GLU A OE1 1 
ATOM   22  O OE2 . GLU A 1 3  ? 13.676  2.369   1.824   1.00 37.98 ? 2   GLU A OE2 1 
ATOM   23  N N   . SER A 1 4  ? 10.779  7.834   1.649   1.00 22.45 ? 3   SER A N   1 
ATOM   24  C CA  . SER A 1 4  ? 9.700   8.800   1.721   1.00 20.75 ? 3   SER A CA  1 
ATOM   25  C C   . SER A 1 4  ? 8.891   8.784   0.431   1.00 21.69 ? 3   SER A C   1 
ATOM   26  O O   . SER A 1 4  ? 7.660   8.878   0.449   1.00 19.40 ? 3   SER A O   1 
ATOM   27  C CB  . SER A 1 4  ? 10.240  10.207  1.988   1.00 27.56 ? 3   SER A CB  1 
ATOM   28  O OG  . SER A 1 4  ? 11.177  10.588  0.993   1.00 30.90 ? 3   SER A OG  1 
ATOM   29  N N   . LYS A 1 5  ? 9.594   8.665   -0.687  1.00 20.42 ? 4   LYS A N   1 
ATOM   30  C CA  . LYS A 1 5  ? 8.943   8.649   -1.994  1.00 21.90 ? 4   LYS A CA  1 
ATOM   31  C C   . LYS A 1 5  ? 8.058   7.416   -2.167  1.00 19.14 ? 4   LYS A C   1 
ATOM   32  O O   . LYS A 1 5  ? 6.947   7.510   -2.685  1.00 18.97 ? 4   LYS A O   1 
ATOM   33  C CB  . LYS A 1 5  ? 9.995   8.725   -3.098  1.00 22.87 ? 4   LYS A CB  1 
ATOM   34  C CG  . LYS A 1 5  ? 10.724  10.065  -3.088  1.00 27.97 ? 4   LYS A CG  1 
ATOM   35  C CD  . LYS A 1 5  ? 11.761  10.199  -4.193  1.00 29.74 ? 4   LYS A CD  1 
ATOM   36  C CE  . LYS A 1 5  ? 12.245  11.646  -4.264  1.00 31.53 ? 4   LYS A CE  1 
ATOM   37  N NZ  . LYS A 1 5  ? 13.455  11.817  -5.098  1.00 32.57 ? 4   LYS A NZ  1 
ATOM   38  N N   . TYR A 1 6  ? 8.545   6.259   -1.728  1.00 17.23 ? 5   TYR A N   1 
ATOM   39  C CA  . TYR A 1 6  ? 7.728   5.051   -1.776  1.00 16.08 ? 5   TYR A CA  1 
ATOM   40  C C   . TYR A 1 6  ? 6.468   5.217   -0.925  1.00 15.74 ? 5   TYR A C   1 
ATOM   41  O O   . TYR A 1 6  ? 5.373   4.839   -1.344  1.00 15.02 ? 5   TYR A O   1 
ATOM   42  C CB  . TYR A 1 6  ? 8.537   3.839   -1.317  1.00 16.13 ? 5   TYR A CB  1 
ATOM   43  C CG  . TYR A 1 6  ? 9.110   3.018   -2.449  1.00 17.12 ? 5   TYR A CG  1 
ATOM   44  C CD1 . TYR A 1 6  ? 9.934   3.582   -3.404  1.00 25.27 ? 5   TYR A CD1 1 
ATOM   45  C CD2 . TYR A 1 6  ? 8.828   1.670   -2.551  1.00 23.73 ? 5   TYR A CD2 1 
ATOM   46  C CE1 . TYR A 1 6  ? 10.465  2.827   -4.431  1.00 25.65 ? 5   TYR A CE1 1 
ATOM   47  C CE2 . TYR A 1 6  ? 9.349   0.902   -3.581  1.00 27.97 ? 5   TYR A CE2 1 
ATOM   48  C CZ  . TYR A 1 6  ? 10.170  1.487   -4.512  1.00 26.74 ? 5   TYR A CZ  1 
ATOM   49  O OH  . TYR A 1 6  ? 10.681  0.712   -5.526  1.00 32.32 ? 5   TYR A OH  1 
ATOM   50  N N   . LYS A 1 7  ? 6.618   5.820   0.250   1.00 15.44 ? 6   LYS A N   1 
ATOM   51  C CA  . LYS A 1 7  ? 5.476   6.051   1.136   1.00 15.17 ? 6   LYS A CA  1 
ATOM   52  C C   . LYS A 1 7  ? 4.434   6.953   0.483   1.00 15.29 ? 6   LYS A C   1 
ATOM   53  O O   . LYS A 1 7  ? 3.235   6.668   0.559   1.00 16.09 ? 6   LYS A O   1 
ATOM   54  C CB  . LYS A 1 7  ? 5.923   6.651   2.465   1.00 13.86 ? 6   LYS A CB  1 
ATOM   55  C CG  . LYS A 1 7  ? 4.778   6.882   3.431   1.00 15.93 ? 6   LYS A CG  1 
ATOM   56  C CD  . LYS A 1 7  ? 5.284   7.270   4.809   1.00 17.98 ? 6   LYS A CD  1 
ATOM   57  C CE  . LYS A 1 7  ? 4.129   7.481   5.790   1.00 20.25 ? 6   LYS A CE  1 
ATOM   58  N NZ  . LYS A 1 7  ? 4.649   7.661   7.178   1.00 20.36 ? 6   LYS A NZ  1 
ATOM   59  N N   . GLU A 1 8  ? 4.890   8.021   -0.172  1.00 15.48 ? 7   GLU A N   1 
ATOM   60  C CA  . GLU A 1 8  ? 3.995   8.909   -0.915  1.00 17.15 ? 7   GLU A CA  1 
ATOM   61  C C   . GLU A 1 8  ? 3.214   8.144   -1.983  1.00 17.31 ? 7   GLU A C   1 
ATOM   62  O O   . GLU A 1 8  ? 2.014   8.347   -2.125  1.00 18.54 ? 7   GLU A O   1 
ATOM   63  C CB  . GLU A 1 8  ? 4.776   10.060  -1.554  1.00 21.18 ? 7   GLU A CB  1 
ATOM   64  N N   . ILE A 1 9  ? 3.887   7.258   -2.719  1.00 17.30 ? 8   ILE A N   1 
ATOM   65  C CA  . ILE A 1 9  ? 3.214   6.333   -3.641  1.00 18.27 ? 8   ILE A CA  1 
ATOM   66  C C   . ILE A 1 9  ? 2.121   5.491   -2.983  1.00 15.69 ? 8   ILE A C   1 
ATOM   67  O O   . ILE A 1 9  ? 0.993   5.418   -3.473  1.00 15.15 ? 8   ILE A O   1 
ATOM   68  C CB  . ILE A 1 9  ? 4.189   5.325   -4.280  1.00 20.15 ? 8   ILE A CB  1 
ATOM   69  C CG1 . ILE A 1 9  ? 5.177   6.007   -5.214  1.00 24.85 ? 8   ILE A CG1 1 
ATOM   70  C CG2 . ILE A 1 9  ? 3.418   4.240   -5.051  1.00 25.54 ? 8   ILE A CG2 1 
ATOM   71  C CD1 . ILE A 1 9  ? 6.184   5.037   -5.757  1.00 22.10 ? 8   ILE A CD1 1 
ATOM   72  N N   . LEU A 1 10 ? 2.488   4.817   -1.900  1.00 13.37 ? 9   LEU A N   1 
ATOM   73  C CA  . LEU A 1 10 ? 1.567   3.970   -1.171  1.00 14.06 ? 9   LEU A CA  1 
ATOM   74  C C   . LEU A 1 10 ? 0.328   4.758   -0.752  1.00 14.42 ? 9   LEU A C   1 
ATOM   75  O O   . LEU A 1 10 ? -0.808  4.359   -1.022  1.00 15.45 ? 9   LEU A O   1 
ATOM   76  C CB  . LEU A 1 10 ? 2.270   3.382   0.061   1.00 14.62 ? 9   LEU A CB  1 
ATOM   77  C CG  . LEU A 1 10 ? 1.823   2.041   0.631   1.00 19.43 ? 9   LEU A CG  1 
ATOM   78  C CD1 . LEU A 1 10 ? 2.686   1.723   1.837   1.00 18.66 ? 9   LEU A CD1 1 
ATOM   79  C CD2 . LEU A 1 10 ? 0.353   2.049   1.028   1.00 19.54 ? 9   LEU A CD2 1 
ATOM   80  N N   . LEU A 1 11 ? 0.559   5.886   -0.100  1.00 14.62 ? 10  LEU A N   1 
ATOM   81  C CA  . LEU A 1 11 ? -0.515  6.645   0.530   1.00 12.16 ? 10  LEU A CA  1 
ATOM   82  C C   . LEU A 1 11 ? -1.339  7.459   -0.461  1.00 13.87 ? 10  LEU A C   1 
ATOM   83  O O   . LEU A 1 11 ? -2.564  7.350   -0.483  1.00 14.42 ? 10  LEU A O   1 
ATOM   84  C CB  . LEU A 1 11 ? 0.071   7.560   1.604   1.00 12.77 ? 10  LEU A CB  1 
ATOM   85  C CG  . LEU A 1 11 ? -0.933  8.344   2.447   1.00 16.44 ? 10  LEU A CG  1 
ATOM   86  C CD1 . LEU A 1 11 ? -2.017  7.415   3.000   1.00 13.07 ? 10  LEU A CD1 1 
ATOM   87  C CD2 . LEU A 1 11 ? -0.235  9.110   3.578   1.00 17.76 ? 10  LEU A CD2 1 
ATOM   88  N N   . LEU A 1 12 ? -0.670  8.261   -1.284  1.00 12.57 ? 11  LEU A N   1 
ATOM   89  C CA  . LEU A 1 12 ? -1.365  9.202   -2.154  1.00 15.29 ? 11  LEU A CA  1 
ATOM   90  C C   . LEU A 1 12 ? -1.929  8.496   -3.383  1.00 15.56 ? 11  LEU A C   1 
ATOM   91  O O   . LEU A 1 12 ? -3.085  8.694   -3.742  1.00 14.39 ? 11  LEU A O   1 
ATOM   92  C CB  . LEU A 1 12 ? -0.428  10.339  -2.568  1.00 17.16 ? 11  LEU A CB  1 
ATOM   93  C CG  . LEU A 1 12 ? 0.292   11.072  -1.421  1.00 24.70 ? 11  LEU A CG  1 
ATOM   94  C CD1 . LEU A 1 12 ? 1.282   12.125  -1.931  1.00 25.99 ? 11  LEU A CD1 1 
ATOM   95  C CD2 . LEU A 1 12 ? -0.694  11.691  -0.432  1.00 23.15 ? 11  LEU A CD2 1 
ATOM   96  N N   . THR A 1 13 ? -1.114  7.659   -4.016  1.00 14.18 ? 12  THR A N   1 
ATOM   97  C CA  . THR A 1 13 ? -1.544  6.963   -5.230  1.00 14.87 ? 12  THR A CA  1 
ATOM   98  C C   . THR A 1 13 ? -2.325  5.691   -4.917  1.00 13.35 ? 12  THR A C   1 
ATOM   99  O O   . THR A 1 13 ? -3.235  5.326   -5.654  1.00 16.54 ? 12  THR A O   1 
ATOM   100 C CB  . THR A 1 13 ? -0.339  6.633   -6.125  1.00 16.41 ? 12  THR A CB  1 
ATOM   101 O OG1 . THR A 1 13 ? 0.312   7.855   -6.484  1.00 19.50 ? 12  THR A OG1 1 
ATOM   102 C CG2 . THR A 1 13 ? -0.783  5.925   -7.403  1.00 24.09 ? 12  THR A CG2 1 
ATOM   103 N N   . GLY A 1 14 ? -1.992  5.037   -3.808  1.00 12.39 ? 13  GLY A N   1 
ATOM   104 C CA  . GLY A 1 14 ? -2.696  3.838   -3.386  1.00 13.25 ? 13  GLY A CA  1 
ATOM   105 C C   . GLY A 1 14 ? -3.924  4.098   -2.521  1.00 10.79 ? 13  GLY A C   1 
ATOM   106 O O   . GLY A 1 14 ? -5.051  4.183   -3.014  1.00 12.94 ? 13  GLY A O   1 
ATOM   107 N N   . LEU A 1 15 ? -3.711  4.203   -1.217  1.00 9.37  ? 14  LEU A N   1 
ATOM   108 C CA  . LEU A 1 15 ? -4.818  4.220   -0.273  1.00 9.98  ? 14  LEU A CA  1 
ATOM   109 C C   . LEU A 1 15 ? -5.760  5.419   -0.433  1.00 10.25 ? 14  LEU A C   1 
ATOM   110 O O   . LEU A 1 15 ? -6.954  5.290   -0.194  1.00 10.53 ? 14  LEU A O   1 
ATOM   111 C CB  . LEU A 1 15 ? -4.277  4.192   1.154   1.00 7.95  ? 14  LEU A CB  1 
ATOM   112 C CG  . LEU A 1 15 ? -3.405  2.976   1.451   1.00 11.65 ? 14  LEU A CG  1 
ATOM   113 C CD1 . LEU A 1 15 ? -2.927  3.050   2.897   1.00 13.63 ? 14  LEU A CD1 1 
ATOM   114 C CD2 . LEU A 1 15 ? -4.196  1.698   1.182   1.00 13.85 ? 14  LEU A CD2 1 
ATOM   115 N N   . ASP A 1 16 ? -5.224  6.575   -0.813  1.00 10.92 ? 15  ASP A N   1 
ATOM   116 C CA  . ASP A 1 16 ? -6.061  7.782   -0.933  1.00 11.62 ? 15  ASP A CA  1 
ATOM   117 C C   . ASP A 1 16 ? -6.945  7.720   -2.178  1.00 11.13 ? 15  ASP A C   1 
ATOM   118 O O   . ASP A 1 16 ? -7.809  8.579   -2.375  1.00 13.82 ? 15  ASP A O   1 
ATOM   119 C CB  . ASP A 1 16 ? -5.215  9.062   -0.991  1.00 11.74 ? 15  ASP A CB  1 
ATOM   120 C CG  . ASP A 1 16 ? -4.599  9.444   0.361   1.00 14.59 ? 15  ASP A CG  1 
ATOM   121 O OD1 . ASP A 1 16 ? -4.946  8.849   1.403   1.00 13.00 ? 15  ASP A OD1 1 
ATOM   122 O OD2 . ASP A 1 16 ? -3.773  10.379  0.366   1.00 16.75 ? 15  ASP A OD2 1 
ATOM   123 N N   . ASN A 1 17 ? -6.701  6.721   -3.019  1.00 13.35 ? 16  ASN A N   1 
ATOM   124 C CA  . ASN A 1 17 ? -7.461  6.509   -4.245  1.00 12.69 ? 16  ASN A CA  1 
ATOM   125 C C   . ASN A 1 17 ? -8.569  5.472   -4.096  1.00 15.12 ? 16  ASN A C   1 
ATOM   126 O O   . ASN A 1 17 ? -9.339  5.229   -5.039  1.00 16.25 ? 16  ASN A O   1 
ATOM   127 C CB  . ASN A 1 17 ? -6.524  6.086   -5.382  1.00 14.52 ? 16  ASN A CB  1 
ATOM   128 C CG  . ASN A 1 17 ? -6.226  7.221   -6.353  1.00 19.48 ? 16  ASN A CG  1 
ATOM   129 O OD1 . ASN A 1 17 ? -7.074  8.084   -6.602  1.00 15.52 ? 16  ASN A OD1 1 
ATOM   130 N ND2 . ASN A 1 17 ? -5.016  7.217   -6.916  1.00 18.16 ? 16  ASN A ND2 1 
ATOM   131 N N   . ILE A 1 18 ? -8.658  4.834   -2.937  1.00 13.14 ? 17  ILE A N   1 
ATOM   132 C CA  . ILE A 1 18 ? -9.725  3.855   -2.764  1.00 15.06 ? 17  ILE A CA  1 
ATOM   133 C C   . ILE A 1 18 ? -10.752 4.347   -1.758  1.00 14.93 ? 17  ILE A C   1 
ATOM   134 O O   . ILE A 1 18 ? -10.444 5.141   -0.866  1.00 13.97 ? 17  ILE A O   1 
ATOM   135 C CB  . ILE A 1 18 ? -9.176  2.471   -2.345  1.00 14.16 ? 17  ILE A CB  1 
ATOM   136 C CG1 . ILE A 1 18 ? -8.539  2.524   -0.961  1.00 14.12 ? 17  ILE A CG1 1 
ATOM   137 C CG2 . ILE A 1 18 ? -8.159  1.965   -3.361  1.00 15.07 ? 17  ILE A CG2 1 
ATOM   138 C CD1 . ILE A 1 18 ? -8.056  1.168   -0.477  1.00 11.69 ? 17  ILE A CD1 1 
ATOM   139 N N   . THR A 1 19 ? -11.987 3.897   -1.921  1.00 13.33 ? 18  THR A N   1 
ATOM   140 C CA  . THR A 1 19 ? -13.069 4.382   -1.081  1.00 13.73 ? 18  THR A CA  1 
ATOM   141 C C   . THR A 1 19 ? -12.979 3.766   0.309   1.00 14.43 ? 18  THR A C   1 
ATOM   142 O O   . THR A 1 19 ? -12.212 2.823   0.535   1.00 12.07 ? 18  THR A O   1 
ATOM   143 C CB  . THR A 1 19 ? -14.440 4.051   -1.683  1.00 16.15 ? 18  THR A CB  1 
ATOM   144 O OG1 . THR A 1 19 ? -14.572 2.629   -1.757  1.00 15.71 ? 18  THR A OG1 1 
ATOM   145 C CG2 . THR A 1 19 ? -14.573 4.651   -3.075  1.00 17.89 ? 18  THR A CG2 1 
ATOM   146 N N   . ASP A 1 20 ? -13.773 4.288   1.236   1.00 12.10 ? 19  ASP A N   1 
ATOM   147 C CA  . ASP A 1 20 ? -13.814 3.713   2.579   1.00 13.55 ? 19  ASP A CA  1 
ATOM   148 C C   . ASP A 1 20 ? -14.261 2.251   2.542   1.00 15.46 ? 19  ASP A C   1 
ATOM   149 O O   . ASP A 1 20 ? -13.745 1.418   3.291   1.00 15.89 ? 19  ASP A O   1 
ATOM   150 C CB  . ASP A 1 20 ? -14.733 4.531   3.487   1.00 17.62 ? 19  ASP A CB  1 
ATOM   151 C CG  . ASP A 1 20 ? -14.101 5.850   3.929   1.00 17.11 ? 19  ASP A CG  1 
ATOM   152 O OD1 . ASP A 1 20 ? -12.996 6.196   3.446   1.00 18.66 ? 19  ASP A OD1 1 
ATOM   153 O OD2 . ASP A 1 20 ? -14.713 6.540   4.771   1.00 20.75 ? 19  ASP A OD2 1 
ATOM   154 N N   . GLU A 1 21 ? -15.213 1.936   1.672   1.00 14.61 ? 20  GLU A N   1 
ATOM   155 C CA  . GLU A 1 21 ? -15.650 0.554   1.508   1.00 15.94 ? 20  GLU A CA  1 
ATOM   156 C C   . GLU A 1 21 ? -14.486 -0.330  1.030   1.00 14.50 ? 20  GLU A C   1 
ATOM   157 O O   . GLU A 1 21 ? -14.270 -1.436  1.533   1.00 15.29 ? 20  GLU A O   1 
ATOM   158 C CB  . GLU A 1 21 ? -16.829 0.489   0.526   1.00 20.72 ? 20  GLU A CB  1 
ATOM   159 C CG  . GLU A 1 21 ? -17.382 -0.899  0.252   1.00 23.21 ? 20  GLU A CG  1 
ATOM   160 C CD  . GLU A 1 21 ? -16.658 -1.637  -0.881  1.00 30.28 ? 20  GLU A CD  1 
ATOM   161 O OE1 . GLU A 1 21 ? -16.725 -1.198  -2.057  1.00 33.83 ? 20  GLU A OE1 1 
ATOM   162 O OE2 . GLU A 1 21 ? -16.024 -2.670  -0.589  1.00 32.53 ? 20  GLU A OE2 1 
ATOM   163 N N   . GLU A 1 22 ? -13.738 0.172   0.059   1.00 12.99 ? 21  GLU A N   1 
ATOM   164 C CA  . GLU A 1 22 ? -12.617 -0.562  -0.513  1.00 13.01 ? 21  GLU A CA  1 
ATOM   165 C C   . GLU A 1 22 ? -11.465 -0.684  0.477   1.00 13.37 ? 21  GLU A C   1 
ATOM   166 O O   . GLU A 1 22 ? -10.727 -1.668  0.469   1.00 10.29 ? 21  GLU A O   1 
ATOM   167 C CB  . GLU A 1 22 ? -12.147 0.122   -1.797  1.00 16.34 ? 21  GLU A CB  1 
ATOM   168 C CG  . GLU A 1 22 ? -13.206 0.105   -2.882  1.00 15.85 ? 21  GLU A CG  1 
ATOM   169 C CD  . GLU A 1 22 ? -12.844 0.924   -4.105  1.00 18.43 ? 21  GLU A CD  1 
ATOM   170 O OE1 . GLU A 1 22 ? -12.259 2.014   -3.962  1.00 15.38 ? 21  GLU A OE1 1 
ATOM   171 O OE2 . GLU A 1 22 ? -13.148 0.453   -5.224  1.00 25.36 ? 21  GLU A OE2 1 
ATOM   172 N N   . LEU A 1 23 ? -11.314 0.316   1.335   1.00 10.26 ? 22  LEU A N   1 
ATOM   173 C CA  . LEU A 1 23 ? -10.284 0.263   2.364   1.00 10.00 ? 22  LEU A CA  1 
ATOM   174 C C   . LEU A 1 23 ? -10.575 -0.876  3.333   1.00 11.38 ? 22  LEU A C   1 
ATOM   175 O O   . LEU A 1 23 ? -9.656  -1.568  3.781   1.00 10.74 ? 22  LEU A O   1 
ATOM   176 C CB  . LEU A 1 23 ? -10.191 1.596   3.110   1.00 10.98 ? 22  LEU A CB  1 
ATOM   177 C CG  . LEU A 1 23 ? -9.197  1.650   4.273   1.00 10.53 ? 22  LEU A CG  1 
ATOM   178 C CD1 . LEU A 1 23 ? -7.763  1.459   3.803   1.00 9.99  ? 22  LEU A CD1 1 
ATOM   179 C CD2 . LEU A 1 23 ? -9.350  2.989   4.992   1.00 12.75 ? 22  LEU A CD2 1 
ATOM   180 N N   . ASP A 1 24 ? -11.853 -1.086  3.637   1.00 12.74 ? 23  ASP A N   1 
ATOM   181 C CA  . ASP A 1 24 ? -12.251 -2.213  4.483   1.00 13.52 ? 23  ASP A CA  1 
ATOM   182 C C   . ASP A 1 24 ? -11.856 -3.544  3.846   1.00 12.81 ? 23  ASP A C   1 
ATOM   183 O O   . ASP A 1 24 ? -11.440 -4.476  4.546   1.00 14.58 ? 23  ASP A O   1 
ATOM   184 C CB  . ASP A 1 24 ? -13.760 -2.188  4.755   1.00 14.95 ? 23  ASP A CB  1 
ATOM   185 C CG  . ASP A 1 24 ? -14.136 -1.221  5.870   1.00 24.12 ? 23  ASP A CG  1 
ATOM   186 O OD1 . ASP A 1 24 ? -13.297 -0.989  6.777   1.00 25.27 ? 23  ASP A OD1 1 
ATOM   187 O OD2 . ASP A 1 24 ? -15.276 -0.696  5.845   1.00 27.14 ? 23  ASP A OD2 1 
ATOM   188 N N   . ARG A 1 25 ? -11.999 -3.635  2.523   1.00 13.03 ? 24  ARG A N   1 
ATOM   189 C CA  . ARG A 1 25 ? -11.626 -4.843  1.783   1.00 13.26 ? 24  ARG A CA  1 
ATOM   190 C C   . ARG A 1 25 ? -10.103 -5.004  1.776   1.00 14.02 ? 24  ARG A C   1 
ATOM   191 O O   . ARG A 1 25 ? -9.578  -6.102  1.970   1.00 14.92 ? 24  ARG A O   1 
ATOM   192 C CB  . ARG A 1 25 ? -12.172 -4.789  0.354   1.00 15.55 ? 24  ARG A CB  1 
ATOM   193 C CG  . ARG A 1 25 ? -13.714 -4.781  0.249   1.00 16.87 ? 24  ARG A CG  1 
ATOM   194 C CD  . ARG A 1 25 ? -14.357 -5.976  0.964   1.00 17.80 ? 24  ARG A CD  1 
ATOM   195 N NE  . ARG A 1 25 ? -13.795 -7.250  0.509   1.00 17.91 ? 24  ARG A NE  1 
ATOM   196 C CZ  . ARG A 1 25 ? -13.213 -8.143  1.302   1.00 20.25 ? 24  ARG A CZ  1 
ATOM   197 N NH1 . ARG A 1 25 ? -13.130 -7.919  2.611   1.00 21.69 ? 24  ARG A NH1 1 
ATOM   198 N NH2 . ARG A 1 25 ? -12.717 -9.274  0.790   1.00 21.49 ? 24  ARG A NH2 1 
ATOM   199 N N   . PHE A 1 26 ? -9.400  -3.892  1.588   1.00 12.05 ? 25  PHE A N   1 
ATOM   200 C CA  . PHE A 1 26 ? -7.948  -3.881  1.683   1.00 10.49 ? 25  PHE A CA  1 
ATOM   201 C C   . PHE A 1 26 ? -7.479  -4.428  3.026   1.00 12.98 ? 25  PHE A C   1 
ATOM   202 O O   . PHE A 1 26 ? -6.598  -5.289  3.083   1.00 13.15 ? 25  PHE A O   1 
ATOM   203 C CB  . PHE A 1 26 ? -7.408  -2.463  1.486   1.00 9.74  ? 25  PHE A CB  1 
ATOM   204 C CG  . PHE A 1 26 ? -5.917  -2.404  1.341   1.00 9.64  ? 25  PHE A CG  1 
ATOM   205 C CD1 . PHE A 1 26 ? -5.315  -2.729  0.140   1.00 11.63 ? 25  PHE A CD1 1 
ATOM   206 C CD2 . PHE A 1 26 ? -5.116  -2.013  2.401   1.00 14.25 ? 25  PHE A CD2 1 
ATOM   207 C CE1 . PHE A 1 26 ? -3.933  -2.675  0.007   1.00 14.62 ? 25  PHE A CE1 1 
ATOM   208 C CE2 . PHE A 1 26 ? -3.748  -1.964  2.276   1.00 10.55 ? 25  PHE A CE2 1 
ATOM   209 C CZ  . PHE A 1 26 ? -3.154  -2.294  1.077   1.00 12.19 ? 25  PHE A CZ  1 
ATOM   210 N N   . LYS A 1 27 ? -8.072  -3.922  4.107   1.00 10.71 ? 26  LYS A N   1 
ATOM   211 C CA  . LYS A 1 27 ? -7.745  -4.384  5.452   1.00 14.75 ? 26  LYS A CA  1 
ATOM   212 C C   . LYS A 1 27 ? -7.994  -5.894  5.617   1.00 16.19 ? 26  LYS A C   1 
ATOM   213 O O   . LYS A 1 27 ? -7.259  -6.571  6.320   1.00 17.70 ? 26  LYS A O   1 
ATOM   214 C CB  . LYS A 1 27 ? -8.552  -3.599  6.491   1.00 14.05 ? 26  LYS A CB  1 
ATOM   215 C CG  . LYS A 1 27 ? -8.067  -2.156  6.730   1.00 11.71 ? 26  LYS A CG  1 
ATOM   216 C CD  . LYS A 1 27 ? -8.989  -1.437  7.705   1.00 14.13 ? 26  LYS A CD  1 
ATOM   217 C CE  . LYS A 1 27 ? -8.546  -0.004  7.945   1.00 12.70 ? 26  LYS A CE  1 
ATOM   218 N NZ  . LYS A 1 27 ? -9.503  0.693   8.841   1.00 15.56 ? 26  LYS A NZ  1 
ATOM   219 N N   . GLY A 1 28 ? -9.028  -6.407  4.957   1.00 14.95 ? 27  GLY A N   1 
ATOM   220 C CA  . GLY A 1 28 ? -9.382  -7.814  5.076   1.00 18.18 ? 27  GLY A CA  1 
ATOM   221 C C   . GLY A 1 28 ? -8.366  -8.739  4.435   1.00 19.66 ? 27  GLY A C   1 
ATOM   222 O O   . GLY A 1 28 ? -8.287  -9.922  4.773   1.00 22.16 ? 27  GLY A O   1 
ATOM   223 N N   . PHE A 1 29 ? -7.587  -8.196  3.505   1.00 16.78 ? 28  PHE A N   1 
ATOM   224 C CA  . PHE A 1 29 ? -6.532  -8.940  2.822   1.00 17.65 ? 28  PHE A CA  1 
ATOM   225 C C   . PHE A 1 29 ? -5.149  -8.686  3.421   1.00 17.00 ? 28  PHE A C   1 
ATOM   226 O O   . PHE A 1 29 ? -4.188  -9.364  3.071   1.00 16.58 ? 28  PHE A O   1 
ATOM   227 C CB  . PHE A 1 29 ? -6.495  -8.570  1.342   1.00 15.28 ? 28  PHE A CB  1 
ATOM   228 C CG  . PHE A 1 29 ? -7.368  -9.427  0.476   1.00 16.37 ? 28  PHE A CG  1 
ATOM   229 C CD1 . PHE A 1 29 ? -6.888  -10.617 -0.043  1.00 23.08 ? 28  PHE A CD1 1 
ATOM   230 C CD2 . PHE A 1 29 ? -8.664  -9.045  0.180   1.00 22.40 ? 28  PHE A CD2 1 
ATOM   231 C CE1 . PHE A 1 29 ? -7.684  -11.416 -0.841  1.00 22.87 ? 28  PHE A CE1 1 
ATOM   232 C CE2 . PHE A 1 29 ? -9.472  -9.850  -0.614  1.00 22.38 ? 28  PHE A CE2 1 
ATOM   233 C CZ  . PHE A 1 29 ? -8.970  -11.031 -1.128  1.00 19.03 ? 28  PHE A CZ  1 
ATOM   234 N N   . LEU A 1 30 ? -5.047  -7.701  4.304   1.00 13.97 ? 29  LEU A N   1 
ATOM   235 C CA  . LEU A 1 30 ? -3.741  -7.217  4.742   1.00 13.66 ? 29  LEU A CA  1 
ATOM   236 C C   . LEU A 1 30 ? -2.908  -8.290  5.453   1.00 14.00 ? 29  LEU A C   1 
ATOM   237 O O   . LEU A 1 30 ? -1.704  -8.394  5.229   1.00 14.66 ? 29  LEU A O   1 
ATOM   238 C CB  . LEU A 1 30 ? -3.911  -5.992  5.642   1.00 13.25 ? 29  LEU A CB  1 
ATOM   239 C CG  . LEU A 1 30 ? -2.765  -4.982  5.583   1.00 21.23 ? 29  LEU A CG  1 
ATOM   240 C CD1 . LEU A 1 30 ? -2.352  -4.726  4.152   1.00 19.07 ? 29  LEU A CD1 1 
ATOM   241 C CD2 . LEU A 1 30 ? -3.155  -3.657  6.233   1.00 20.95 ? 29  LEU A CD2 1 
ATOM   242 N N   . SER A 1 31 ? -3.546  -9.097  6.292   1.00 16.26 ? 30  SER A N   1 
ATOM   243 C CA  . SER A 1 31 ? -2.838  -10.162 7.023   1.00 17.97 ? 30  SER A CA  1 
ATOM   244 C C   . SER A 1 31 ? -2.223  -11.231 6.124   1.00 17.03 ? 30  SER A C   1 
ATOM   245 O O   . SER A 1 31 ? -1.338  -11.968 6.552   1.00 17.99 ? 30  SER A O   1 
ATOM   246 C CB  . SER A 1 31 ? -3.782  -10.835 8.025   1.00 17.99 ? 30  SER A CB  1 
ATOM   247 O OG  . SER A 1 31 ? -3.953  -9.998  9.159   1.00 23.98 ? 30  SER A OG  1 
ATOM   248 N N   . ASP A 1 32 ? -2.681  -11.318 4.882   1.00 17.36 ? 31  ASP A N   1 
ATOM   249 C CA  . ASP A 1 32 ? -2.146  -12.312 3.958   1.00 18.18 ? 31  ASP A CA  1 
ATOM   250 C C   . ASP A 1 32 ? -0.769  -11.905 3.418   1.00 19.10 ? 31  ASP A C   1 
ATOM   251 O O   . ASP A 1 32 ? -0.043  -12.717 2.823   1.00 17.47 ? 31  ASP A O   1 
ATOM   252 C CB  . ASP A 1 32 ? -3.125  -12.533 2.801   1.00 22.25 ? 31  ASP A CB  1 
ATOM   253 C CG  . ASP A 1 32 ? -2.837  -13.805 2.033   1.00 30.63 ? 31  ASP A CG  1 
ATOM   254 O OD1 . ASP A 1 32 ? -3.044  -14.902 2.602   1.00 30.85 ? 31  ASP A OD1 1 
ATOM   255 O OD2 . ASP A 1 32 ? -2.393  -13.712 0.869   1.00 34.28 ? 31  ASP A OD2 1 
ATOM   256 N N   . GLU A 1 33 ? -0.412  -10.642 3.630   1.00 14.73 ? 32  GLU A N   1 
ATOM   257 C CA  . GLU A 1 33 ? 0.865   -10.115 3.151   1.00 14.52 ? 32  GLU A CA  1 
ATOM   258 C C   . GLU A 1 33 ? 1.748   -9.603  4.285   1.00 14.87 ? 32  GLU A C   1 
ATOM   259 O O   . GLU A 1 33 ? 2.976   -9.632  4.187   1.00 16.24 ? 32  GLU A O   1 
ATOM   260 C CB  . GLU A 1 33 ? 0.637   -8.985  2.139   1.00 15.40 ? 32  GLU A CB  1 
ATOM   261 C CG  . GLU A 1 33 ? -0.091  -9.418  0.878   1.00 18.71 ? 32  GLU A CG  1 
ATOM   262 C CD  . GLU A 1 33 ? 0.779   -10.275 -0.038  1.00 23.45 ? 32  GLU A CD  1 
ATOM   263 O OE1 . GLU A 1 33 ? 1.981   -10.458 0.256   1.00 21.96 ? 32  GLU A OE1 1 
ATOM   264 O OE2 . GLU A 1 33 ? 0.257   -10.770 -1.051  1.00 24.69 ? 32  GLU A OE2 1 
ATOM   265 N N   . PHE A 1 34 ? 1.130   -9.108  5.351   1.00 12.94 ? 33  PHE A N   1 
ATOM   266 C CA  . PHE A 1 34 ? 1.892   -8.535  6.453   1.00 16.03 ? 33  PHE A CA  1 
ATOM   267 C C   . PHE A 1 34 ? 1.662   -9.286  7.746   1.00 17.45 ? 33  PHE A C   1 
ATOM   268 O O   . PHE A 1 34 ? 0.546   -9.691  8.028   1.00 15.98 ? 33  PHE A O   1 
ATOM   269 C CB  . PHE A 1 34 ? 1.519   -7.074  6.680   1.00 14.05 ? 33  PHE A CB  1 
ATOM   270 C CG  . PHE A 1 34 ? 1.800   -6.176  5.510   1.00 14.25 ? 33  PHE A CG  1 
ATOM   271 C CD1 . PHE A 1 34 ? 0.880   -6.060  4.479   1.00 11.23 ? 33  PHE A CD1 1 
ATOM   272 C CD2 . PHE A 1 34 ? 2.963   -5.424  5.461   1.00 13.90 ? 33  PHE A CD2 1 
ATOM   273 C CE1 . PHE A 1 34 ? 1.119   -5.212  3.401   1.00 12.96 ? 33  PHE A CE1 1 
ATOM   274 C CE2 . PHE A 1 34 ? 3.221   -4.589  4.399   1.00 12.27 ? 33  PHE A CE2 1 
ATOM   275 C CZ  . PHE A 1 34 ? 2.300   -4.480  3.355   1.00 13.49 ? 33  PHE A CZ  1 
ATOM   276 N N   . ASN A 1 35 ? 2.707   -9.429  8.556   1.00 16.84 ? 34  ASN A N   1 
ATOM   277 C CA  . ASN A 1 35 ? 2.531   -9.983  9.892   1.00 20.56 ? 34  ASN A CA  1 
ATOM   278 C C   . ASN A 1 35 ? 2.024   -8.910  10.849  1.00 21.70 ? 34  ASN A C   1 
ATOM   279 O O   . ASN A 1 35 ? 2.657   -8.616  11.866  1.00 20.92 ? 34  ASN A O   1 
ATOM   280 C CB  . ASN A 1 35 ? 3.835   -10.593 10.399  1.00 22.33 ? 34  ASN A CB  1 
ATOM   281 C CG  . ASN A 1 35 ? 4.287   -11.755 9.545   1.00 26.55 ? 34  ASN A CG  1 
ATOM   282 O OD1 . ASN A 1 35 ? 3.461   -12.537 9.057   1.00 22.82 ? 34  ASN A OD1 1 
ATOM   283 N ND2 . ASN A 1 35 ? 5.595   -11.873 9.345   1.00 27.34 ? 34  ASN A ND2 1 
ATOM   284 N N   . ILE A 1 36 ? 0.886   -8.323  10.485  1.00 15.11 ? 35  ILE A N   1 
ATOM   285 C CA  . ILE A 1 36 ? 0.178   -7.343  11.303  1.00 16.74 ? 35  ILE A CA  1 
ATOM   286 C C   . ILE A 1 36 ? -1.180  -7.913  11.643  1.00 17.98 ? 35  ILE A C   1 
ATOM   287 O O   . ILE A 1 36 ? -1.895  -8.344  10.741  1.00 16.59 ? 35  ILE A O   1 
ATOM   288 C CB  . ILE A 1 36 ? -0.015  -6.000  10.570  1.00 14.13 ? 35  ILE A CB  1 
ATOM   289 C CG1 . ILE A 1 36 ? 1.334   -5.384  10.198  1.00 16.43 ? 35  ILE A CG1 1 
ATOM   290 C CG2 . ILE A 1 36 ? -0.879  -5.042  11.414  1.00 16.65 ? 35  ILE A CG2 1 
ATOM   291 C CD1 . ILE A 1 36 ? 1.206   -4.176  9.305   1.00 15.45 ? 35  ILE A CD1 1 
ATOM   292 N N   . ALA A 1 37 ? -1.532  -7.924  12.930  1.00 15.01 ? 36  ALA A N   1 
ATOM   293 C CA  . ALA A 1 37 ? -2.792  -8.520  13.367  1.00 17.99 ? 36  ALA A CA  1 
ATOM   294 C C   . ALA A 1 37 ? -3.974  -7.734  12.809  1.00 17.62 ? 36  ALA A C   1 
ATOM   295 O O   . ALA A 1 37 ? -3.992  -6.506  12.859  1.00 16.77 ? 36  ALA A O   1 
ATOM   296 C CB  . ALA A 1 37 ? -2.864  -8.583  14.898  1.00 15.96 ? 36  ALA A CB  1 
ATOM   297 N N   . THR A 1 38 ? -4.958  -8.450  12.281  1.00 15.93 ? 37  THR A N   1 
ATOM   298 C CA  . THR A 1 38 ? -6.133  -7.818  11.701  1.00 19.58 ? 37  THR A CA  1 
ATOM   299 C C   . THR A 1 38 ? -6.829  -6.848  12.664  1.00 19.67 ? 37  THR A C   1 
ATOM   300 O O   . THR A 1 38 ? -7.294  -5.783  12.251  1.00 17.71 ? 37  THR A O   1 
ATOM   301 C CB  . THR A 1 38 ? -7.133  -8.886  11.229  1.00 18.75 ? 37  THR A CB  1 
ATOM   302 O OG1 . THR A 1 38 ? -6.572  -9.565  10.101  1.00 18.52 ? 37  THR A OG1 1 
ATOM   303 C CG2 . THR A 1 38 ? -8.450  -8.251  10.824  1.00 20.25 ? 37  THR A CG2 1 
ATOM   304 N N   . GLY A 1 39 ? -6.889  -7.214  13.942  1.00 19.35 ? 38  GLY A N   1 
ATOM   305 C CA  . GLY A 1 39 ? -7.503  -6.350  14.937  1.00 18.07 ? 38  GLY A CA  1 
ATOM   306 C C   . GLY A 1 39 ? -6.836  -4.990  15.059  1.00 19.59 ? 38  GLY A C   1 
ATOM   307 O O   . GLY A 1 39 ? -7.483  -4.007  15.421  1.00 22.65 ? 38  GLY A O   1 
ATOM   308 N N   . LYS A 1 40 ? -5.541  -4.925  14.760  1.00 20.12 ? 39  LYS A N   1 
ATOM   309 C CA  . LYS A 1 40 ? -4.793  -3.675  14.896  1.00 21.61 ? 39  LYS A CA  1 
ATOM   310 C C   . LYS A 1 40 ? -5.205  -2.639  13.856  1.00 23.77 ? 39  LYS A C   1 
ATOM   311 O O   . LYS A 1 40 ? -5.033  -1.438  14.055  1.00 25.72 ? 39  LYS A O   1 
ATOM   312 C CB  . LYS A 1 40 ? -3.287  -3.928  14.787  1.00 24.53 ? 39  LYS A CB  1 
ATOM   313 C CG  . LYS A 1 40 ? -2.695  -4.705  15.946  1.00 28.42 ? 39  LYS A CG  1 
ATOM   314 C CD  . LYS A 1 40 ? -3.110  -4.106  17.285  1.00 32.90 ? 39  LYS A CD  1 
ATOM   315 C CE  . LYS A 1 40 ? -2.630  -4.972  18.436  1.00 33.52 ? 39  LYS A CE  1 
ATOM   316 N NZ  . LYS A 1 40 ? -3.212  -4.564  19.745  1.00 40.77 ? 39  LYS A NZ  1 
ATOM   317 N N   . LEU A 1 41 ? -5.763  -3.105  12.747  1.00 22.13 ? 40  LEU A N   1 
ATOM   318 C CA  . LEU A 1 41 ? -6.031  -2.234  11.612  1.00 20.37 ? 40  LEU A CA  1 
ATOM   319 C C   . LEU A 1 41 ? -7.441  -1.703  11.603  1.00 22.83 ? 40  LEU A C   1 
ATOM   320 O O   . LEU A 1 41 ? -7.741  -0.743  10.892  1.00 22.24 ? 40  LEU A O   1 
ATOM   321 C CB  . LEU A 1 41 ? -5.793  -2.984  10.306  1.00 24.35 ? 40  LEU A CB  1 
ATOM   322 C CG  . LEU A 1 41 ? -4.453  -3.693  10.184  1.00 25.98 ? 40  LEU A CG  1 
ATOM   323 C CD1 . LEU A 1 41 ? -4.590  -4.883  9.237   1.00 27.66 ? 40  LEU A CD1 1 
ATOM   324 C CD2 . LEU A 1 41 ? -3.418  -2.708  9.701   1.00 23.12 ? 40  LEU A CD2 1 
ATOM   325 N N   . HIS A 1 42 ? -8.303  -2.326  12.399  1.00 23.30 ? 41  HIS A N   1 
ATOM   326 C CA  . HIS A 1 42 ? -9.741  -2.225  12.179  1.00 25.61 ? 41  HIS A CA  1 
ATOM   327 C C   . HIS A 1 42 ? -10.245 -0.790  12.103  1.00 27.30 ? 41  HIS A C   1 
ATOM   328 O O   . HIS A 1 42 ? -10.981 -0.451  11.179  1.00 27.53 ? 41  HIS A O   1 
ATOM   329 C CB  . HIS A 1 42 ? -10.503 -2.983  13.263  1.00 30.88 ? 41  HIS A CB  1 
ATOM   330 C CG  . HIS A 1 42 ? -11.987 -2.899  13.112  1.00 32.43 ? 41  HIS A CG  1 
ATOM   331 N ND1 . HIS A 1 42 ? -12.638 -3.285  11.960  1.00 38.01 ? 41  HIS A ND1 1 
ATOM   332 C CD2 . HIS A 1 42 ? -12.947 -2.452  13.958  1.00 32.69 ? 41  HIS A CD2 1 
ATOM   333 C CE1 . HIS A 1 42 ? -13.937 -3.091  12.107  1.00 35.14 ? 41  HIS A CE1 1 
ATOM   334 N NE2 . HIS A 1 42 ? -14.149 -2.586  13.309  1.00 39.56 ? 41  HIS A NE2 1 
ATOM   335 N N   . THR A 1 43 ? -9.839  0.056   13.044  1.00 23.94 ? 42  THR A N   1 
ATOM   336 C CA  . THR A 1 43 ? -10.267 1.453   13.022  1.00 25.32 ? 42  THR A CA  1 
ATOM   337 C C   . THR A 1 43 ? -9.188  2.421   12.524  1.00 20.80 ? 42  THR A C   1 
ATOM   338 O O   . THR A 1 43 ? -9.356  3.636   12.621  1.00 24.99 ? 42  THR A O   1 
ATOM   339 C CB  . THR A 1 43 ? -10.723 1.930   14.413  1.00 29.51 ? 42  THR A CB  1 
ATOM   340 O OG1 . THR A 1 43 ? -9.649  1.781   15.357  1.00 30.40 ? 42  THR A OG1 1 
ATOM   341 C CG2 . THR A 1 43 ? -11.933 1.126   14.871  1.00 32.02 ? 42  THR A CG2 1 
ATOM   342 N N   . ALA A 1 44 ? -8.099  1.884   11.983  1.00 19.55 ? 43  ALA A N   1 
ATOM   343 C CA  . ALA A 1 44 ? -6.977  2.703   11.525  1.00 15.29 ? 43  ALA A CA  1 
ATOM   344 C C   . ALA A 1 44 ? -7.338  3.443   10.236  1.00 16.98 ? 43  ALA A C   1 
ATOM   345 O O   . ALA A 1 44 ? -8.027  2.894   9.376   1.00 14.21 ? 43  ALA A O   1 
ATOM   346 C CB  . ALA A 1 44 ? -5.734  1.837   11.317  1.00 13.83 ? 43  ALA A CB  1 
ATOM   347 N N   . ASN A 1 45 ? -6.895  4.693   10.109  1.00 12.94 ? 44  ASN A N   1 
ATOM   348 C CA  . ASN A 1 45 ? -7.101  5.438   8.864   1.00 11.46 ? 44  ASN A CA  1 
ATOM   349 C C   . ASN A 1 45 ? -5.970  5.175   7.863   1.00 11.06 ? 44  ASN A C   1 
ATOM   350 O O   . ASN A 1 45 ? -5.044  4.399   8.148   1.00 10.22 ? 44  ASN A O   1 
ATOM   351 C CB  . ASN A 1 45 ? -7.234  6.939   9.150   1.00 14.98 ? 44  ASN A CB  1 
ATOM   352 C CG  . ASN A 1 45 ? -6.026  7.505   9.889   1.00 15.62 ? 44  ASN A CG  1 
ATOM   353 O OD1 . ASN A 1 45 ? -4.880  7.235   9.530   1.00 10.06 ? 44  ASN A OD1 1 
ATOM   354 N ND2 . ASN A 1 45 ? -6.285  8.292   10.931  1.00 17.93 ? 44  ASN A ND2 1 
ATOM   355 N N   . ARG A 1 46 ? -6.025  5.836   6.706   1.00 10.36 ? 45  ARG A N   1 
ATOM   356 C CA  . ARG A 1 46 ? -5.067  5.552   5.634   1.00 9.89  ? 45  ARG A CA  1 
ATOM   357 C C   . ARG A 1 46 ? -3.631  5.863   6.036   1.00 10.60 ? 45  ARG A C   1 
ATOM   358 O O   . ARG A 1 46 ? -2.732  5.072   5.762   1.00 8.46  ? 45  ARG A O   1 
ATOM   359 C CB  . ARG A 1 46 ? -5.435  6.319   4.361   1.00 9.29  ? 45  ARG A CB  1 
ATOM   360 C CG  . ARG A 1 46 ? -6.682  5.724   3.677   1.00 9.72  ? 45  ARG A CG  1 
ATOM   361 C CD  . ARG A 1 46 ? -7.284  6.652   2.624   1.00 9.87  ? 45  ARG A CD  1 
ATOM   362 N NE  . ARG A 1 46 ? -8.478  6.037   2.042   1.00 9.27  ? 45  ARG A NE  1 
ATOM   363 C CZ  . ARG A 1 46 ? -9.649  5.969   2.665   1.00 15.32 ? 45  ARG A CZ  1 
ATOM   364 N NH1 . ARG A 1 46 ? -9.799  6.502   3.880   1.00 10.83 ? 45  ARG A NH1 1 
ATOM   365 N NH2 . ARG A 1 46 ? -10.670 5.373   2.070   1.00 14.82 ? 45  ARG A NH2 1 
ATOM   366 N N   . ILE A 1 47 ? -3.407  7.004   6.682   1.00 8.60  ? 46  ILE A N   1 
ATOM   367 C CA  . ILE A 1 47 ? -2.052  7.359   7.085   1.00 9.63  ? 46  ILE A CA  1 
ATOM   368 C C   . ILE A 1 47 ? -1.504  6.335   8.090   1.00 11.43 ? 46  ILE A C   1 
ATOM   369 O O   . ILE A 1 47 ? -0.365  5.873   7.961   1.00 9.26  ? 46  ILE A O   1 
ATOM   370 C CB  . ILE A 1 47 ? -1.987  8.776   7.688   1.00 12.50 ? 46  ILE A CB  1 
ATOM   371 C CG1 . ILE A 1 47 ? -2.465  9.799   6.661   1.00 17.57 ? 46  ILE A CG1 1 
ATOM   372 C CG2 . ILE A 1 47 ? -0.549  9.110   8.085   1.00 15.33 ? 46  ILE A CG2 1 
ATOM   373 C CD1 . ILE A 1 47 ? -2.501  11.239  7.192   1.00 19.24 ? 46  ILE A CD1 1 
ATOM   374 N N   . GLN A 1 48 ? -2.329  5.961   9.066   1.00 9.71  ? 47  GLN A N   1 
ATOM   375 C CA  . GLN A 1 48 ? -1.937  4.951   10.053  1.00 8.31  ? 47  GLN A CA  1 
ATOM   376 C C   . GLN A 1 48 ? -1.656  3.595   9.410   1.00 11.26 ? 47  GLN A C   1 
ATOM   377 O O   . GLN A 1 48 ? -0.673  2.944   9.735   1.00 9.62  ? 47  GLN A O   1 
ATOM   378 C CB  . GLN A 1 48 ? -3.016  4.800   11.122  1.00 8.45  ? 47  GLN A CB  1 
ATOM   379 C CG  . GLN A 1 48 ? -3.145  6.016   12.045  1.00 11.56 ? 47  GLN A CG  1 
ATOM   380 C CD  . GLN A 1 48 ? -4.354  5.920   12.950  1.00 15.36 ? 47  GLN A CD  1 
ATOM   381 O OE1 . GLN A 1 48 ? -5.443  5.500   12.522  1.00 16.49 ? 47  GLN A OE1 1 
ATOM   382 N NE2 . GLN A 1 48 ? -4.175  6.288   14.209  1.00 12.35 ? 47  GLN A NE2 1 
ATOM   383 N N   . VAL A 1 49 ? -2.510  3.175   8.488   1.00 9.11  ? 48  VAL A N   1 
ATOM   384 C CA  . VAL A 1 49 ? -2.318  1.890   7.828   1.00 10.62 ? 48  VAL A CA  1 
ATOM   385 C C   . VAL A 1 49 ? -1.028  1.859   7.003   1.00 10.99 ? 48  VAL A C   1 
ATOM   386 O O   . VAL A 1 49 ? -0.255  0.905   7.099   1.00 9.56  ? 48  VAL A O   1 
ATOM   387 C CB  . VAL A 1 49 ? -3.530  1.544   6.936   1.00 11.36 ? 48  VAL A CB  1 
ATOM   388 C CG1 . VAL A 1 49 ? -3.179  0.420   5.962   1.00 12.09 ? 48  VAL A CG1 1 
ATOM   389 C CG2 . VAL A 1 49 ? -4.701  1.150   7.824   1.00 10.24 ? 48  VAL A CG2 1 
ATOM   390 N N   . ALA A 1 50 ? -0.780  2.910   6.221   1.00 10.93 ? 49  ALA A N   1 
ATOM   391 C CA  . ALA A 1 50 ? 0.466   3.003   5.449   1.00 10.77 ? 49  ALA A CA  1 
ATOM   392 C C   . ALA A 1 50 ? 1.693   2.957   6.357   1.00 10.83 ? 49  ALA A C   1 
ATOM   393 O O   . ALA A 1 50 ? 2.689   2.292   6.054   1.00 10.09 ? 49  ALA A O   1 
ATOM   394 C CB  . ALA A 1 50 ? 0.478   4.281   4.623   1.00 10.77 ? 49  ALA A CB  1 
ATOM   395 N N   . THR A 1 51 ? 1.620   3.681   7.467   1.00 9.76  ? 50  THR A N   1 
ATOM   396 C CA  . THR A 1 51 ? 2.736   3.781   8.404   1.00 10.09 ? 50  THR A CA  1 
ATOM   397 C C   . THR A 1 51 ? 3.024   2.423   9.051   1.00 10.85 ? 50  THR A C   1 
ATOM   398 O O   . THR A 1 51 ? 4.166   2.003   9.101   1.00 10.12 ? 50  THR A O   1 
ATOM   399 C CB  . THR A 1 51 ? 2.454   4.853   9.476   1.00 13.73 ? 50  THR A CB  1 
ATOM   400 O OG1 . THR A 1 51 ? 2.222   6.114   8.825   1.00 13.53 ? 50  THR A OG1 1 
ATOM   401 C CG2 . THR A 1 51 ? 3.638   4.999   10.421  1.00 13.24 ? 50  THR A CG2 1 
ATOM   402 N N   . LEU A 1 52 ? 1.981   1.725   9.492   1.00 9.76  ? 51  LEU A N   1 
ATOM   403 C CA  . LEU A 1 52 ? 2.144   0.404   10.102  1.00 11.83 ? 51  LEU A CA  1 
ATOM   404 C C   . LEU A 1 52 ? 2.718   -0.599  9.107   1.00 11.44 ? 51  LEU A C   1 
ATOM   405 O O   . LEU A 1 52 ? 3.574   -1.423  9.456   1.00 11.79 ? 51  LEU A O   1 
ATOM   406 C CB  . LEU A 1 52 ? 0.815   -0.091  10.657  1.00 11.61 ? 51  LEU A CB  1 
ATOM   407 C CG  . LEU A 1 52 ? 0.287   0.721   11.848  1.00 14.08 ? 51  LEU A CG  1 
ATOM   408 C CD1 . LEU A 1 52 ? -1.154  0.319   12.197  1.00 17.59 ? 51  LEU A CD1 1 
ATOM   409 C CD2 . LEU A 1 52 ? 1.218   0.576   13.058  1.00 17.82 ? 51  LEU A CD2 1 
ATOM   410 N N   . MET A 1 53 ? 2.266   -0.520  7.862   1.00 11.03 ? 52  MET A N   1 
ATOM   411 C CA  . MET A 1 53 ? 2.790   -1.390  6.813   1.00 11.58 ? 52  MET A CA  1 
ATOM   412 C C   . MET A 1 53 ? 4.287   -1.184  6.610   1.00 11.60 ? 52  MET A C   1 
ATOM   413 O O   . MET A 1 53 ? 5.057   -2.137  6.504   1.00 13.52 ? 52  MET A O   1 
ATOM   414 C CB  . MET A 1 53 ? 2.047   -1.145  5.502   1.00 9.89  ? 52  MET A CB  1 
ATOM   415 C CG  . MET A 1 53 ? 0.618   -1.646  5.519   1.00 13.01 ? 52  MET A CG  1 
ATOM   416 S SD  . MET A 1 53 ? -0.399  -1.009  4.159   1.00 21.79 ? 52  MET A SD  1 
ATOM   417 C CE  . MET A 1 53 ? 0.312   -1.913  2.843   1.00 13.64 ? 52  MET A CE  1 
ATOM   418 N N   . ILE A 1 54 ? 4.699   0.075   6.566   1.00 11.07 ? 53  ILE A N   1 
ATOM   419 C CA  . ILE A 1 54 ? 6.102   0.392   6.358   1.00 11.84 ? 53  ILE A CA  1 
ATOM   420 C C   . ILE A 1 54 ? 6.946   0.041   7.590   1.00 12.99 ? 53  ILE A C   1 
ATOM   421 O O   . ILE A 1 54 ? 8.060   -0.472  7.460   1.00 13.16 ? 53  ILE A O   1 
ATOM   422 C CB  . ILE A 1 54 ? 6.248   1.867   5.967   1.00 14.18 ? 53  ILE A CB  1 
ATOM   423 C CG1 . ILE A 1 54 ? 5.654   2.049   4.563   1.00 12.04 ? 53  ILE A CG1 1 
ATOM   424 C CG2 . ILE A 1 54 ? 7.721   2.316   6.028   1.00 15.18 ? 53  ILE A CG2 1 
ATOM   425 C CD1 . ILE A 1 54 ? 5.300   3.483   4.208   1.00 15.98 ? 53  ILE A CD1 1 
ATOM   426 N N   . GLN A 1 55 ? 6.409   0.285   8.778   1.00 12.61 ? 54  GLN A N   1 
ATOM   427 C CA  . GLN A 1 55 ? 7.095   -0.121  10.002  1.00 15.28 ? 54  GLN A CA  1 
ATOM   428 C C   . GLN A 1 55 ? 7.352   -1.629  10.013  1.00 17.27 ? 54  GLN A C   1 
ATOM   429 O O   . GLN A 1 55 ? 8.410   -2.091  10.453  1.00 17.62 ? 54  GLN A O   1 
ATOM   430 C CB  . GLN A 1 55 ? 6.284   0.294   11.231  1.00 14.17 ? 54  GLN A CB  1 
ATOM   431 C CG  . GLN A 1 55 ? 6.372   1.797   11.493  1.00 16.20 ? 54  GLN A CG  1 
ATOM   432 C CD  . GLN A 1 55 ? 5.485   2.264   12.635  1.00 17.06 ? 54  GLN A CD  1 
ATOM   433 O OE1 . GLN A 1 55 ? 4.861   1.455   13.329  1.00 17.76 ? 54  GLN A OE1 1 
ATOM   434 N NE2 . GLN A 1 55 ? 5.441   3.584   12.846  1.00 12.33 ? 54  GLN A NE2 1 
ATOM   435 N N   . ASN A 1 56 ? 6.398   -2.395  9.502   1.00 13.88 ? 55  ASN A N   1 
ATOM   436 C CA  . ASN A 1 56 ? 6.535   -3.848  9.502   1.00 15.53 ? 55  ASN A CA  1 
ATOM   437 C C   . ASN A 1 56 ? 7.461   -4.381  8.417   1.00 17.20 ? 55  ASN A C   1 
ATOM   438 O O   . ASN A 1 56 ? 8.319   -5.219  8.685   1.00 16.32 ? 55  ASN A O   1 
ATOM   439 C CB  . ASN A 1 56 ? 5.171   -4.526  9.345   1.00 16.11 ? 55  ASN A CB  1 
ATOM   440 C CG  . ASN A 1 56 ? 5.278   -6.047  9.325   1.00 21.75 ? 55  ASN A CG  1 
ATOM   441 O OD1 . ASN A 1 56 ? 5.462   -6.669  10.367  1.00 27.42 ? 55  ASN A OD1 1 
ATOM   442 N ND2 . ASN A 1 56 ? 5.177   -6.646  8.135   1.00 18.97 ? 55  ASN A ND2 1 
ATOM   443 N N   . ALA A 1 57 ? 7.296   -3.899  7.194   1.00 14.43 ? 56  ALA A N   1 
ATOM   444 C CA  . ALA A 1 57 ? 7.932   -4.542  6.057   1.00 14.40 ? 56  ALA A CA  1 
ATOM   445 C C   . ALA A 1 57 ? 8.981   -3.692  5.364   1.00 16.95 ? 56  ALA A C   1 
ATOM   446 O O   . ALA A 1 57 ? 9.708   -4.188  4.509   1.00 18.85 ? 56  ALA A O   1 
ATOM   447 C CB  . ALA A 1 57 ? 6.867   -4.960  5.047   1.00 15.78 ? 56  ALA A CB  1 
ATOM   448 N N   . GLY A 1 58 ? 9.058   -2.411  5.711   1.00 14.93 ? 57  GLY A N   1 
ATOM   449 C CA  . GLY A 1 58 ? 9.899   -1.502  4.962   1.00 13.97 ? 57  GLY A CA  1 
ATOM   450 C C   . GLY A 1 58 ? 9.126   -0.975  3.775   1.00 15.83 ? 57  GLY A C   1 
ATOM   451 O O   . GLY A 1 58 ? 8.156   -1.609  3.322   1.00 15.82 ? 57  GLY A O   1 
ATOM   452 N N   . ALA A 1 59 ? 9.546   0.175   3.260   1.00 15.90 ? 58  ALA A N   1 
ATOM   453 C CA  . ALA A 1 59 ? 8.756   0.899   2.262   1.00 15.36 ? 58  ALA A CA  1 
ATOM   454 C C   . ALA A 1 59 ? 8.648   0.161   0.934   1.00 16.36 ? 58  ALA A C   1 
ATOM   455 O O   . ALA A 1 59 ? 7.579   0.110   0.335   1.00 14.56 ? 58  ALA A O   1 
ATOM   456 C CB  . ALA A 1 59 ? 9.339   2.278   2.035   1.00 19.53 ? 58  ALA A CB  1 
ATOM   457 N N   . VAL A 1 60 ? 9.754   -0.406  0.468   1.00 20.25 ? 59  VAL A N   1 
ATOM   458 C CA  . VAL A 1 60 ? 9.758   -1.055  -0.842  1.00 19.09 ? 59  VAL A CA  1 
ATOM   459 C C   . VAL A 1 60 ? 8.825   -2.262  -0.863  1.00 16.27 ? 59  VAL A C   1 
ATOM   460 O O   . VAL A 1 60 ? 7.969   -2.390  -1.759  1.00 17.95 ? 59  VAL A O   1 
ATOM   461 C CB  . VAL A 1 60 ? 11.178  -1.472  -1.255  1.00 21.38 ? 59  VAL A CB  1 
ATOM   462 C CG1 . VAL A 1 60 ? 11.133  -2.310  -2.516  1.00 24.72 ? 59  VAL A CG1 1 
ATOM   463 C CG2 . VAL A 1 60 ? 12.027  -0.234  -1.471  1.00 23.02 ? 59  VAL A CG2 1 
ATOM   464 N N   . SER A 1 61 ? 8.968   -3.116  0.139   1.00 15.00 ? 60  SER A N   1 
ATOM   465 C CA  . SER A 1 61 ? 8.104   -4.267  0.290   1.00 16.76 ? 60  SER A CA  1 
ATOM   466 C C   . SER A 1 61 ? 6.646   -3.870  0.537   1.00 16.25 ? 60  SER A C   1 
ATOM   467 O O   . SER A 1 61 ? 5.733   -4.541  0.054   1.00 13.97 ? 60  SER A O   1 
ATOM   468 C CB  . SER A 1 61 ? 8.605   -5.149  1.430   1.00 18.54 ? 60  SER A CB  1 
ATOM   469 O OG  . SER A 1 61 ? 7.785   -6.283  1.568   1.00 21.48 ? 60  SER A OG  1 
ATOM   470 N N   . ALA A 1 62 ? 6.423   -2.786  1.277   1.00 13.55 ? 61  ALA A N   1 
ATOM   471 C CA  . ALA A 1 62 ? 5.052   -2.317  1.541   1.00 13.39 ? 61  ALA A CA  1 
ATOM   472 C C   . ALA A 1 62 ? 4.343   -1.944  0.239   1.00 14.22 ? 61  ALA A C   1 
ATOM   473 O O   . ALA A 1 62 ? 3.176   -2.285  0.032   1.00 10.72 ? 61  ALA A O   1 
ATOM   474 C CB  . ALA A 1 62 ? 5.056   -1.121  2.516   1.00 10.96 ? 61  ALA A CB  1 
ATOM   475 N N   . VAL A 1 63 ? 5.052   -1.246  -0.642  1.00 13.09 ? 62  VAL A N   1 
ATOM   476 C CA  . VAL A 1 63 ? 4.473   -0.849  -1.920  1.00 11.98 ? 62  VAL A CA  1 
ATOM   477 C C   . VAL A 1 63 ? 4.192   -2.084  -2.786  1.00 12.00 ? 62  VAL A C   1 
ATOM   478 O O   . VAL A 1 63 ? 3.121   -2.220  -3.374  1.00 10.12 ? 62  VAL A O   1 
ATOM   479 C CB  . VAL A 1 63 ? 5.404   0.140   -2.674  1.00 11.47 ? 62  VAL A CB  1 
ATOM   480 C CG1 . VAL A 1 63 ? 4.982   0.264   -4.139  1.00 13.88 ? 62  VAL A CG1 1 
ATOM   481 C CG2 . VAL A 1 63 ? 5.400   1.507   -1.980  1.00 15.60 ? 62  VAL A CG2 1 
ATOM   482 N N   . MET A 1 64 ? 5.150   -2.998  -2.840  1.00 12.16 ? 63  MET A N   1 
ATOM   483 C CA  . MET A 1 64 ? 4.966   -4.232  -3.594  1.00 14.99 ? 63  MET A CA  1 
ATOM   484 C C   . MET A 1 64 ? 3.764   -5.040  -3.101  1.00 12.60 ? 63  MET A C   1 
ATOM   485 O O   . MET A 1 64 ? 2.958   -5.516  -3.904  1.00 12.62 ? 63  MET A O   1 
ATOM   486 C CB  . MET A 1 64 ? 6.228   -5.077  -3.528  1.00 12.15 ? 63  MET A CB  1 
ATOM   487 C CG  . MET A 1 64 ? 7.389   -4.416  -4.219  1.00 16.68 ? 63  MET A CG  1 
ATOM   488 S SD  . MET A 1 64 ? 8.799   -5.512  -4.329  1.00 31.23 ? 63  MET A SD  1 
ATOM   489 C CE  . MET A 1 64 ? 8.292   -6.549  -5.706  1.00 26.73 ? 63  MET A CE  1 
ATOM   490 N N   . LYS A 1 65 ? 3.623   -5.167  -1.787  1.00 13.25 ? 64  LYS A N   1 
ATOM   491 C CA  . LYS A 1 65 ? 2.511   -5.930  -1.230  1.00 12.22 ? 64  LYS A CA  1 
ATOM   492 C C   . LYS A 1 65 ? 1.179   -5.219  -1.461  1.00 12.28 ? 64  LYS A C   1 
ATOM   493 O O   . LYS A 1 65 ? 0.143   -5.862  -1.602  1.00 12.38 ? 64  LYS A O   1 
ATOM   494 C CB  . LYS A 1 65 ? 2.727   -6.177  0.259   1.00 15.92 ? 64  LYS A CB  1 
ATOM   495 C CG  . LYS A 1 65 ? 3.824   -7.201  0.544   1.00 15.19 ? 64  LYS A CG  1 
ATOM   496 C CD  . LYS A 1 65 ? 4.214   -7.170  2.010   1.00 16.03 ? 64  LYS A CD  1 
ATOM   497 C CE  . LYS A 1 65 ? 5.320   -8.178  2.286   1.00 18.38 ? 64  LYS A CE  1 
ATOM   498 N NZ  . LYS A 1 65 ? 4.861   -9.546  1.947   1.00 18.63 ? 64  LYS A NZ  1 
ATOM   499 N N   . THR A 1 66 ? 1.210   -3.893  -1.493  1.00 10.08 ? 65  THR A N   1 
ATOM   500 C CA  . THR A 1 66 ? 0.000   -3.114  -1.752  1.00 10.98 ? 65  THR A CA  1 
ATOM   501 C C   . THR A 1 66 ? -0.456  -3.346  -3.175  1.00 11.84 ? 65  THR A C   1 
ATOM   502 O O   . THR A 1 66 ? -1.649  -3.552  -3.444  1.00 11.05 ? 65  THR A O   1 
ATOM   503 C CB  . THR A 1 66 ? 0.239   -1.614  -1.512  1.00 12.25 ? 65  THR A CB  1 
ATOM   504 O OG1 . THR A 1 66 ? 0.603   -1.419  -0.141  1.00 13.53 ? 65  THR A OG1 1 
ATOM   505 C CG2 . THR A 1 66 ? -1.031  -0.810  -1.810  1.00 13.21 ? 65  THR A CG2 1 
ATOM   506 N N   . ILE A 1 67 ? 0.502   -3.292  -4.090  1.00 11.85 ? 66  ILE A N   1 
ATOM   507 C CA  . ILE A 1 67 ? 0.227   -3.579  -5.492  1.00 11.41 ? 66  ILE A CA  1 
ATOM   508 C C   . ILE A 1 67 ? -0.427  -4.954  -5.630  1.00 12.51 ? 66  ILE A C   1 
ATOM   509 O O   . ILE A 1 67 ? -1.447  -5.097  -6.302  1.00 12.91 ? 66  ILE A O   1 
ATOM   510 C CB  . ILE A 1 67 ? 1.510   -3.509  -6.337  1.00 13.70 ? 66  ILE A CB  1 
ATOM   511 C CG1 . ILE A 1 67 ? 1.965   -2.050  -6.473  1.00 13.83 ? 66  ILE A CG1 1 
ATOM   512 C CG2 . ILE A 1 67 ? 1.264   -4.125  -7.721  1.00 15.84 ? 66  ILE A CG2 1 
ATOM   513 C CD1 . ILE A 1 67 ? 3.381   -1.879  -7.011  1.00 12.50 ? 66  ILE A CD1 1 
ATOM   514 N N   . ARG A 1 68 ? 0.141   -5.944  -4.954  1.00 12.29 ? 67  ARG A N   1 
ATOM   515 C CA  . ARG A 1 68 ? -0.351  -7.313  -5.007  1.00 15.76 ? 67  ARG A CA  1 
ATOM   516 C C   . ARG A 1 68 ? -1.795  -7.434  -4.471  1.00 14.79 ? 67  ARG A C   1 
ATOM   517 O O   . ARG A 1 68 ? -2.627  -8.124  -5.056  1.00 14.50 ? 67  ARG A O   1 
ATOM   518 C CB  . ARG A 1 68 ? 0.596   -8.225  -4.218  1.00 16.37 ? 67  ARG A CB  1 
ATOM   519 C CG  . ARG A 1 68 ? 0.388   -9.700  -4.441  1.00 25.72 ? 67  ARG A CG  1 
ATOM   520 C CD  . ARG A 1 68 ? 0.716   -10.098 -5.877  1.00 26.80 ? 67  ARG A CD  1 
ATOM   521 N NE  . ARG A 1 68 ? 0.226   -11.447 -6.158  1.00 28.23 ? 67  ARG A NE  1 
ATOM   522 C CZ  . ARG A 1 68 ? -1.010  -11.720 -6.567  1.00 30.11 ? 67  ARG A CZ  1 
ATOM   523 N NH1 . ARG A 1 68 ? -1.888  -10.740 -6.747  1.00 22.31 ? 67  ARG A NH1 1 
ATOM   524 N NH2 . ARG A 1 68 ? -1.374  -12.977 -6.795  1.00 32.08 ? 67  ARG A NH2 1 
ATOM   525 N N   . ILE A 1 69 ? -2.080  -6.761  -3.362  1.00 12.56 ? 68  ILE A N   1 
ATOM   526 C CA  . ILE A 1 69 ? -3.416  -6.785  -2.771  1.00 11.56 ? 68  ILE A CA  1 
ATOM   527 C C   . ILE A 1 69 ? -4.433  -6.096  -3.681  1.00 13.07 ? 68  ILE A C   1 
ATOM   528 O O   . ILE A 1 69 ? -5.554  -6.586  -3.865  1.00 12.55 ? 68  ILE A O   1 
ATOM   529 C CB  . ILE A 1 69 ? -3.429  -6.122  -1.383  1.00 11.92 ? 68  ILE A CB  1 
ATOM   530 C CG1 . ILE A 1 69 ? -2.554  -6.923  -0.427  1.00 15.43 ? 68  ILE A CG1 1 
ATOM   531 C CG2 . ILE A 1 69 ? -4.860  -6.013  -0.855  1.00 13.07 ? 68  ILE A CG2 1 
ATOM   532 C CD1 . ILE A 1 69 ? -2.418  -6.298  0.925   1.00 13.06 ? 68  ILE A CD1 1 
ATOM   533 N N   . PHE A 1 70 ? -4.052  -4.965  -4.261  1.00 12.72 ? 69  PHE A N   1 
ATOM   534 C CA  . PHE A 1 70 ? -4.920  -4.319  -5.247  1.00 11.74 ? 69  PHE A CA  1 
ATOM   535 C C   . PHE A 1 70 ? -5.264  -5.285  -6.388  1.00 14.04 ? 69  PHE A C   1 
ATOM   536 O O   . PHE A 1 70 ? -6.396  -5.322  -6.855  1.00 14.05 ? 69  PHE A O   1 
ATOM   537 C CB  . PHE A 1 70 ? -4.276  -3.058  -5.818  1.00 11.14 ? 69  PHE A CB  1 
ATOM   538 C CG  . PHE A 1 70 ? -4.434  -1.840  -4.937  1.00 11.25 ? 69  PHE A CG  1 
ATOM   539 C CD1 . PHE A 1 70 ? -4.623  -1.967  -3.563  1.00 11.77 ? 69  PHE A CD1 1 
ATOM   540 C CD2 . PHE A 1 70 ? -4.400  -0.575  -5.486  1.00 18.42 ? 69  PHE A CD2 1 
ATOM   541 C CE1 . PHE A 1 70 ? -4.753  -0.846  -2.755  1.00 13.35 ? 69  PHE A CE1 1 
ATOM   542 C CE2 . PHE A 1 70 ? -4.539  0.558   -4.678  1.00 18.12 ? 69  PHE A CE2 1 
ATOM   543 C CZ  . PHE A 1 70 ? -4.716  0.418   -3.320  1.00 13.60 ? 69  PHE A CZ  1 
ATOM   544 N N   . GLN A 1 71 ? -4.287  -6.067  -6.826  1.00 13.28 ? 70  GLN A N   1 
ATOM   545 C CA  . GLN A 1 71 ? -4.547  -7.103  -7.828  1.00 13.97 ? 70  GLN A CA  1 
ATOM   546 C C   . GLN A 1 71 ? -5.541  -8.163  -7.344  1.00 15.28 ? 70  GLN A C   1 
ATOM   547 O O   . GLN A 1 71 ? -6.454  -8.535  -8.065  1.00 15.26 ? 70  GLN A O   1 
ATOM   548 C CB  . GLN A 1 71 ? -3.243  -7.770  -8.242  1.00 14.11 ? 70  GLN A CB  1 
ATOM   549 C CG  . GLN A 1 71 ? -2.299  -6.820  -8.959  1.00 14.96 ? 70  GLN A CG  1 
ATOM   550 C CD  . GLN A 1 71 ? -0.954  -7.461  -9.235  1.00 20.29 ? 70  GLN A CD  1 
ATOM   551 O OE1 . GLN A 1 71 ? -0.505  -8.324  -8.485  1.00 21.46 ? 70  GLN A OE1 1 
ATOM   552 N NE2 . GLN A 1 71 ? -0.310  -7.048  -10.323 1.00 18.34 ? 70  GLN A NE2 1 
ATOM   553 N N   . LYS A 1 72 ? -5.350  -8.657  -6.133  1.00 12.30 ? 71  LYS A N   1 
ATOM   554 C CA  . LYS A 1 72 ? -6.244  -9.665  -5.578  1.00 13.67 ? 71  LYS A CA  1 
ATOM   555 C C   . LYS A 1 72 ? -7.667  -9.138  -5.469  1.00 16.49 ? 71  LYS A C   1 
ATOM   556 O O   . LYS A 1 72 ? -8.624  -9.901  -5.592  1.00 15.19 ? 71  LYS A O   1 
ATOM   557 C CB  . LYS A 1 72 ? -5.746  -10.130 -4.209  1.00 18.28 ? 71  LYS A CB  1 
ATOM   558 C CG  . LYS A 1 72 ? -4.402  -10.820 -4.261  1.00 17.57 ? 71  LYS A CG  1 
ATOM   559 C CD  . LYS A 1 72 ? -3.929  -11.203 -2.870  1.00 19.62 ? 71  LYS A CD  1 
ATOM   560 C CE  . LYS A 1 72 ? -2.621  -11.972 -2.943  1.00 21.09 ? 71  LYS A CE  1 
ATOM   561 N NZ  . LYS A 1 72 ? -2.084  -12.261 -1.589  1.00 29.01 ? 71  LYS A NZ  1 
ATOM   562 N N   . LEU A 1 73 ? -7.792  -7.825  -5.264  1.00 12.95 ? 72  LEU A N   1 
ATOM   563 C CA  . LEU A 1 73 ? -9.080  -7.153  -5.092  1.00 14.55 ? 72  LEU A CA  1 
ATOM   564 C C   . LEU A 1 73 ? -9.678  -6.681  -6.412  1.00 15.61 ? 72  LEU A C   1 
ATOM   565 O O   . LEU A 1 73 ? -10.742 -6.062  -6.420  1.00 16.81 ? 72  LEU A O   1 
ATOM   566 C CB  . LEU A 1 73 ? -8.930  -5.954  -4.142  1.00 13.24 ? 72  LEU A CB  1 
ATOM   567 C CG  . LEU A 1 73 ? -8.853  -6.326  -2.662  1.00 14.05 ? 72  LEU A CG  1 
ATOM   568 C CD1 . LEU A 1 73 ? -8.406  -5.151  -1.822  1.00 17.12 ? 72  LEU A CD1 1 
ATOM   569 C CD2 . LEU A 1 73 ? -10.219 -6.827  -2.184  1.00 18.03 ? 72  LEU A CD2 1 
ATOM   570 N N   . ASN A 1 74 ? -8.977  -6.962  -7.510  1.00 15.25 ? 73  ASN A N   1 
ATOM   571 C CA  . ASN A 1 74 ? -9.422  -6.605  -8.855  1.00 15.11 ? 73  ASN A CA  1 
ATOM   572 C C   . ASN A 1 74 ? -9.466  -5.086  -9.064  1.00 15.76 ? 73  ASN A C   1 
ATOM   573 O O   . ASN A 1 74 ? -10.274 -4.578  -9.843  1.00 15.99 ? 73  ASN A O   1 
ATOM   574 C CB  . ASN A 1 74 ? -10.800 -7.237  -9.139  1.00 18.81 ? 73  ASN A CB  1 
ATOM   575 C CG  . ASN A 1 74 ? -11.111 -7.353  -10.620 1.00 20.39 ? 73  ASN A CG  1 
ATOM   576 O OD1 . ASN A 1 74 ? -10.230 -7.268  -11.465 1.00 18.09 ? 73  ASN A OD1 1 
ATOM   577 N ND2 . ASN A 1 74 ? -12.384 -7.567  -10.935 1.00 25.00 ? 73  ASN A ND2 1 
ATOM   578 N N   . TYR A 1 75 ? -8.604  -4.359  -8.349  1.00 14.35 ? 74  TYR A N   1 
ATOM   579 C CA  . TYR A 1 75 ? -8.462  -2.920  -8.571  1.00 17.43 ? 74  TYR A CA  1 
ATOM   580 C C   . TYR A 1 75 ? -7.345  -2.747  -9.584  1.00 19.19 ? 74  TYR A C   1 
ATOM   581 O O   . TYR A 1 75 ? -6.285  -2.207  -9.267  1.00 16.06 ? 74  TYR A O   1 
ATOM   582 C CB  . TYR A 1 75 ? -8.132  -2.154  -7.279  1.00 14.68 ? 74  TYR A CB  1 
ATOM   583 C CG  . TYR A 1 75 ? -9.083  -2.345  -6.102  1.00 17.20 ? 74  TYR A CG  1 
ATOM   584 C CD1 . TYR A 1 75 ? -10.411 -2.711  -6.287  1.00 18.43 ? 74  TYR A CD1 1 
ATOM   585 C CD2 . TYR A 1 75 ? -8.641  -2.137  -4.797  1.00 14.55 ? 74  TYR A CD2 1 
ATOM   586 C CE1 . TYR A 1 75 ? -11.265 -2.878  -5.197  1.00 20.98 ? 74  TYR A CE1 1 
ATOM   587 C CE2 . TYR A 1 75 ? -9.483  -2.305  -3.716  1.00 16.34 ? 74  TYR A CE2 1 
ATOM   588 C CZ  . TYR A 1 75 ? -10.792 -2.674  -3.920  1.00 14.93 ? 74  TYR A CZ  1 
ATOM   589 O OH  . TYR A 1 75 ? -11.623 -2.833  -2.834  1.00 18.15 ? 74  TYR A OH  1 
ATOM   590 N N   . MET A 1 76 ? -7.565  -3.234  -10.801 1.00 15.93 ? 75  MET A N   1 
ATOM   591 C CA  . MET A 1 76 ? -6.471  -3.357  -11.762 1.00 18.39 ? 75  MET A CA  1 
ATOM   592 C C   . MET A 1 76 ? -5.956  -2.008  -12.268 1.00 16.71 ? 75  MET A C   1 
ATOM   593 O O   . MET A 1 76 ? -4.754  -1.849  -12.494 1.00 19.34 ? 75  MET A O   1 
ATOM   594 C CB  . MET A 1 76 ? -6.913  -4.228  -12.942 1.00 20.59 ? 75  MET A CB  1 
ATOM   595 C CG  . MET A 1 76 ? -7.455  -5.589  -12.522 1.00 20.71 ? 75  MET A CG  1 
ATOM   596 S SD  . MET A 1 76 ? -6.470  -6.438  -11.259 1.00 25.05 ? 75  MET A SD  1 
ATOM   597 C CE  . MET A 1 76 ? -4.979  -6.851  -12.158 1.00 21.95 ? 75  MET A CE  1 
ATOM   598 N N   . LEU A 1 77 ? -6.858  -1.045  -12.438 1.00 17.29 ? 76  LEU A N   1 
ATOM   599 C CA  . LEU A 1 77 ? -6.463  0.301   -12.849 1.00 19.88 ? 76  LEU A CA  1 
ATOM   600 C C   . LEU A 1 77 ? -5.469  0.904   -11.846 1.00 16.94 ? 76  LEU A C   1 
ATOM   601 O O   . LEU A 1 77 ? -4.426  1.439   -12.228 1.00 15.32 ? 76  LEU A O   1 
ATOM   602 C CB  . LEU A 1 77 ? -7.689  1.211   -12.979 1.00 20.57 ? 76  LEU A CB  1 
ATOM   603 C CG  . LEU A 1 77 ? -7.374  2.686   -13.249 1.00 21.22 ? 76  LEU A CG  1 
ATOM   604 C CD1 . LEU A 1 77 ? -6.986  2.899   -14.694 1.00 25.07 ? 76  LEU A CD1 1 
ATOM   605 C CD2 . LEU A 1 77 ? -8.537  3.588   -12.853 1.00 24.04 ? 76  LEU A CD2 1 
ATOM   606 N N   . LEU A 1 78 ? -5.794  0.806   -10.563 1.00 15.92 ? 77  LEU A N   1 
ATOM   607 C CA  . LEU A 1 78 ? -4.940  1.390   -9.536  1.00 15.50 ? 77  LEU A CA  1 
ATOM   608 C C   . LEU A 1 78 ? -3.642  0.615   -9.381  1.00 15.09 ? 77  LEU A C   1 
ATOM   609 O O   . LEU A 1 78 ? -2.598  1.217   -9.156  1.00 17.29 ? 77  LEU A O   1 
ATOM   610 C CB  . LEU A 1 78 ? -5.670  1.456   -8.197  1.00 15.52 ? 77  LEU A CB  1 
ATOM   611 C CG  . LEU A 1 78 ? -6.744  2.548   -8.129  1.00 22.67 ? 77  LEU A CG  1 
ATOM   612 C CD1 . LEU A 1 78 ? -7.362  2.579   -6.750  1.00 19.75 ? 77  LEU A CD1 1 
ATOM   613 C CD2 . LEU A 1 78 ? -6.150  3.915   -8.496  1.00 19.78 ? 77  LEU A CD2 1 
ATOM   614 N N   . ALA A 1 79 ? -3.701  -0.707  -9.509  1.00 13.03 ? 78  ALA A N   1 
ATOM   615 C CA  . ALA A 1 79 ? -2.497  -1.528  -9.392  1.00 12.93 ? 78  ALA A CA  1 
ATOM   616 C C   . ALA A 1 79 ? -1.503  -1.163  -10.482 1.00 14.48 ? 78  ALA A C   1 
ATOM   617 O O   . ALA A 1 79 ? -0.300  -1.107  -10.234 1.00 13.69 ? 78  ALA A O   1 
ATOM   618 C CB  . ALA A 1 79 ? -2.835  -3.022  -9.448  1.00 14.85 ? 78  ALA A CB  1 
ATOM   619 N N   . LYS A 1 80 ? -2.004  -0.921  -11.693 1.00 15.77 ? 79  LYS A N   1 
ATOM   620 C CA  . LYS A 1 80 ? -1.147  -0.483  -12.789 1.00 19.24 ? 79  LYS A CA  1 
ATOM   621 C C   . LYS A 1 80 ? -0.518  0.869   -12.459 1.00 17.61 ? 79  LYS A C   1 
ATOM   622 O O   . LYS A 1 80 ? 0.680   1.070   -12.625 1.00 16.76 ? 79  LYS A O   1 
ATOM   623 C CB  . LYS A 1 80 ? -1.939  -0.404  -14.093 1.00 20.47 ? 79  LYS A CB  1 
ATOM   624 N N   . ARG A 1 81 ? -1.336  1.796   -11.983 1.00 21.08 ? 80  ARG A N   1 
ATOM   625 C CA  . ARG A 1 81 ? -0.841  3.124   -11.628 1.00 20.49 ? 80  ARG A CA  1 
ATOM   626 C C   . ARG A 1 81 ? 0.234   3.079   -10.548 1.00 18.61 ? 80  ARG A C   1 
ATOM   627 O O   . ARG A 1 81 ? 1.233   3.787   -10.640 1.00 18.83 ? 80  ARG A O   1 
ATOM   628 C CB  . ARG A 1 81 ? -1.986  4.021   -11.175 1.00 20.50 ? 80  ARG A CB  1 
ATOM   629 C CG  . ARG A 1 81 ? -2.223  5.175   -12.120 1.00 31.70 ? 80  ARG A CG  1 
ATOM   630 C CD  . ARG A 1 81 ? -2.574  6.443   -11.373 1.00 33.80 ? 80  ARG A CD  1 
ATOM   631 N NE  . ARG A 1 81 ? -3.931  6.415   -10.826 1.00 41.72 ? 80  ARG A NE  1 
ATOM   632 C CZ  . ARG A 1 81 ? -5.036  6.544   -11.556 1.00 39.81 ? 80  ARG A CZ  1 
ATOM   633 N NH1 . ARG A 1 81 ? -4.948  6.702   -12.873 1.00 39.99 ? 80  ARG A NH1 1 
ATOM   634 N NH2 . ARG A 1 81 ? -6.230  6.514   -10.973 1.00 36.42 ? 80  ARG A NH2 1 
ATOM   635 N N   . LEU A 1 82 ? 0.036   2.246   -9.533  1.00 18.74 ? 81  LEU A N   1 
ATOM   636 C CA  . LEU A 1 82 ? 1.026   2.122   -8.466  1.00 18.41 ? 81  LEU A CA  1 
ATOM   637 C C   . LEU A 1 82 ? 2.334   1.555   -8.998  1.00 18.98 ? 81  LEU A C   1 
ATOM   638 O O   . LEU A 1 82 ? 3.421   2.010   -8.630  1.00 17.88 ? 81  LEU A O   1 
ATOM   639 C CB  . LEU A 1 82 ? 0.498   1.227   -7.352  1.00 20.26 ? 81  LEU A CB  1 
ATOM   640 C CG  . LEU A 1 82 ? -0.578  1.790   -6.436  1.00 21.72 ? 81  LEU A CG  1 
ATOM   641 C CD1 . LEU A 1 82 ? -1.208  0.652   -5.642  1.00 16.97 ? 81  LEU A CD1 1 
ATOM   642 C CD2 . LEU A 1 82 ? 0.037   2.816   -5.512  1.00 21.25 ? 81  LEU A CD2 1 
ATOM   643 N N   . GLN A 1 83 ? 2.214   0.551   -9.866  1.00 15.05 ? 82  GLN A N   1 
ATOM   644 C CA  . GLN A 1 83 ? 3.372   -0.056  -10.503 1.00 17.24 ? 82  GLN A CA  1 
ATOM   645 C C   . GLN A 1 83 ? 4.135   0.969   -11.350 1.00 18.57 ? 82  GLN A C   1 
ATOM   646 O O   . GLN A 1 83 ? 5.360   0.972   -11.358 1.00 19.51 ? 82  GLN A O   1 
ATOM   647 C CB  . GLN A 1 83 ? 2.940   -1.248  -11.359 1.00 16.81 ? 82  GLN A CB  1 
ATOM   648 C CG  . GLN A 1 83 ? 4.101   -2.004  -11.977 1.00 21.15 ? 82  GLN A CG  1 
ATOM   649 C CD  . GLN A 1 83 ? 5.025   -2.593  -10.927 1.00 26.72 ? 82  GLN A CD  1 
ATOM   650 O OE1 . GLN A 1 83 ? 4.582   -3.293  -10.010 1.00 22.64 ? 82  GLN A OE1 1 
ATOM   651 N NE2 . GLN A 1 83 ? 6.316   -2.292  -11.042 1.00 25.66 ? 82  GLN A NE2 1 
ATOM   652 N N   . GLU A 1 84 ? 3.421   1.832   -12.043 1.00 18.00 ? 83  GLU A N   1 
ATOM   653 C CA  . GLU A 1 84 ? 4.066   2.851   -12.867 1.00 24.13 ? 83  GLU A CA  1 
ATOM   654 C C   . GLU A 1 84 ? 4.817   3.845   -11.967 1.00 24.14 ? 83  GLU A C   1 
ATOM   655 O O   . GLU A 1 84 ? 5.939   4.113   -12.185 1.00 24.75 ? 83  GLU A O   1 
ATOM   656 C CB  . GLU A 1 84 ? 3.096   3.603   -13.775 1.00 27.50 ? 83  GLU A CB  1 
ATOM   657 C CG  . GLU A 1 84 ? 2.378   2.757   -14.827 1.00 27.15 ? 83  GLU A CG  1 
ATOM   658 C CD  . GLU A 1 84 ? 1.170   3.422   -15.483 1.00 37.76 ? 83  GLU A CD  1 
ATOM   659 O OE1 . GLU A 1 84 ? 0.708   4.527   -15.103 1.00 35.77 ? 83  GLU A OE1 1 
ATOM   660 O OE2 . GLU A 1 84 ? 0.645   2.795   -16.396 1.00 41.77 ? 83  GLU A OE2 1 
ATOM   661 N N   . GLU A 1 85 ? 4.143   4.368   -10.961 1.00 22.28 ? 84  GLU A N   1 
ATOM   662 C CA  . GLU A 1 85 ? 4.767   5.312   -10.024 1.00 23.80 ? 84  GLU A CA  1 
ATOM   663 C C   . GLU A 1 85 ? 5.972   4.692   -9.323  1.00 23.50 ? 84  GLU A C   1 
ATOM   664 O O   . GLU A 1 85 ? 6.970   5.377   -9.098  1.00 24.89 ? 84  GLU A O   1 
ATOM   665 C CB  . GLU A 1 85 ? 3.763   5.790   -8.973  1.00 23.79 ? 84  GLU A CB  1 
ATOM   666 C CG  . GLU A 1 85 ? 2.519   6.475   -9.525  1.00 25.27 ? 84  GLU A CG  1 
ATOM   667 C CD  . GLU A 1 85 ? 2.711   7.958   -9.826  1.00 38.54 ? 84  GLU A CD  1 
ATOM   668 O OE1 . GLU A 1 85 ? 3.842   8.481   -9.683  1.00 35.33 ? 84  GLU A OE1 1 
ATOM   669 O OE2 . GLU A 1 85 ? 1.713   8.602   -10.216 1.00 43.57 ? 84  GLU A OE2 1 
ATOM   670 N N   . LYS A 1 86 ? 5.867   3.412   -8.962  1.00 21.33 ? 85  LYS A N   1 
ATOM   671 C CA  . LYS A 1 86 ? 6.984   2.688   -8.360  1.00 19.33 ? 85  LYS A CA  1 
ATOM   672 C C   . LYS A 1 86 ? 8.190   2.714   -9.286  1.00 25.69 ? 85  LYS A C   1 
ATOM   673 O O   . LYS A 1 86 ? 9.281   3.106   -8.882  1.00 22.12 ? 85  LYS A O   1 
ATOM   674 C CB  . LYS A 1 86 ? 6.608   1.240   -8.029  1.00 19.91 ? 85  LYS A CB  1 
ATOM   675 C CG  . LYS A 1 86 ? 7.743   0.466   -7.351  1.00 22.54 ? 85  LYS A CG  1 
ATOM   676 C CD  . LYS A 1 86 ? 7.453   -1.022  -7.240  1.00 22.12 ? 85  LYS A CD  1 
ATOM   677 C CE  . LYS A 1 86 ? 8.697   -1.805  -6.848  1.00 28.40 ? 85  LYS A CE  1 
ATOM   678 N NZ  . LYS A 1 86 ? 9.762   -1.732  -7.889  1.00 28.50 ? 85  LYS A NZ  1 
ATOM   679 N N   . GLU A 1 87 ? 7.990   2.314   -10.538 1.00 27.30 ? 86  GLU A N   1 
ATOM   680 C CA  . GLU A 1 87 ? 9.083   2.314   -11.509 1.00 28.11 ? 86  GLU A CA  1 
ATOM   681 C C   . GLU A 1 87 ? 9.694   3.708   -11.700 1.00 24.82 ? 86  GLU A C   1 
ATOM   682 O O   . GLU A 1 87 ? 10.901  3.842   -11.917 1.00 25.85 ? 86  GLU A O   1 
ATOM   683 C CB  . GLU A 1 87 ? 8.593   1.763   -12.847 1.00 27.23 ? 86  GLU A CB  1 
ATOM   684 C CG  . GLU A 1 87 ? 8.382   0.267   -12.825 1.00 29.80 ? 86  GLU A CG  1 
ATOM   685 C CD  . GLU A 1 87 ? 7.771   -0.253  -14.110 1.00 33.98 ? 86  GLU A CD  1 
ATOM   686 O OE1 . GLU A 1 87 ? 8.084   0.304   -15.187 1.00 33.32 ? 86  GLU A OE1 1 
ATOM   687 O OE2 . GLU A 1 87 ? 6.978   -1.217  -14.033 1.00 32.88 ? 86  GLU A OE2 1 
ATOM   688 N N   . LYS A 1 88 ? 8.861   4.739   -11.616 1.00 25.53 ? 87  LYS A N   1 
ATOM   689 C CA  . LYS A 1 88 ? 9.335   6.110   -11.770 1.00 27.28 ? 87  LYS A CA  1 
ATOM   690 C C   . LYS A 1 88 ? 10.305  6.488   -10.650 1.00 31.61 ? 87  LYS A C   1 
ATOM   691 O O   . LYS A 1 88 ? 11.316  7.147   -10.888 1.00 32.22 ? 87  LYS A O   1 
ATOM   692 C CB  . LYS A 1 88 ? 8.157   7.084   -11.802 1.00 29.18 ? 87  LYS A CB  1 
ATOM   693 N N   . VAL A 1 89 ? 9.996   6.061   -9.430  1.00 28.25 ? 88  VAL A N   1 
ATOM   694 C CA  . VAL A 1 89 ? 10.859  6.330   -8.285  1.00 26.78 ? 88  VAL A CA  1 
ATOM   695 C C   . VAL A 1 89 ? 12.113  5.463   -8.341  1.00 27.85 ? 88  VAL A C   1 
ATOM   696 O O   . VAL A 1 89 ? 13.202  5.930   -8.016  1.00 29.81 ? 88  VAL A O   1 
ATOM   697 C CB  . VAL A 1 89 ? 10.115  6.093   -6.949  1.00 25.19 ? 88  VAL A CB  1 
ATOM   698 C CG1 . VAL A 1 89 ? 11.061  6.208   -5.768  1.00 26.07 ? 88  VAL A CG1 1 
ATOM   699 C CG2 . VAL A 1 89 ? 8.967   7.070   -6.815  1.00 26.69 ? 88  VAL A CG2 1 
ATOM   700 N N   . ASP A 1 90 ? 11.965  4.210   -8.770  1.00 26.00 ? 89  ASP A N   1 
ATOM   701 C CA  . ASP A 1 90 ? 13.113  3.313   -8.920  1.00 29.06 ? 89  ASP A CA  1 
ATOM   702 C C   . ASP A 1 90 ? 14.161  3.894   -9.879  1.00 30.91 ? 89  ASP A C   1 
ATOM   703 O O   . ASP A 1 90 ? 15.369  3.798   -9.628  1.00 30.50 ? 89  ASP A O   1 
ATOM   704 C CB  . ASP A 1 90 ? 12.673  1.932   -9.421  1.00 28.84 ? 89  ASP A CB  1 
ATOM   705 C CG  . ASP A 1 90 ? 11.838  1.169   -8.400  1.00 33.31 ? 89  ASP A CG  1 
ATOM   706 O OD1 . ASP A 1 90 ? 11.844  1.551   -7.209  1.00 29.37 ? 89  ASP A OD1 1 
ATOM   707 O OD2 . ASP A 1 90 ? 11.180  0.180   -8.791  1.00 29.42 ? 89  ASP A OD2 1 
ATOM   708 N N   . LYS A 1 91 ? 13.695  4.502   -10.968 1.00 26.01 ? 90  LYS A N   1 
ATOM   709 C CA  . LYS A 1 91 ? 14.591  5.086   -11.963 1.00 30.25 ? 90  LYS A CA  1 
ATOM   710 C C   . LYS A 1 91 ? 15.462  6.172   -11.348 1.00 32.47 ? 90  LYS A C   1 
ATOM   711 O O   . LYS A 1 91 ? 16.627  6.334   -11.719 1.00 29.26 ? 90  LYS A O   1 
ATOM   712 C CB  . LYS A 1 91 ? 13.800  5.651   -13.127 1.00 27.81 ? 90  LYS A CB  1 
ATOM   713 N N   . GLN A 1 92 ? 14.894  6.910   -10.399 1.00 29.66 ? 91  GLN A N   1 
ATOM   714 C CA  . GLN A 1 92 ? 15.612  7.985   -9.727  1.00 30.41 ? 91  GLN A CA  1 
ATOM   715 C C   . GLN A 1 92 ? 16.770  7.477   -8.871  1.00 33.24 ? 91  GLN A C   1 
ATOM   716 O O   . GLN A 1 92 ? 17.664  8.248   -8.521  1.00 34.43 ? 91  GLN A O   1 
ATOM   717 C CB  . GLN A 1 92 ? 14.658  8.798   -8.856  1.00 32.05 ? 91  GLN A CB  1 
ATOM   718 C CG  . GLN A 1 92 ? 13.518  9.433   -9.612  1.00 31.84 ? 91  GLN A CG  1 
ATOM   719 C CD  . GLN A 1 92 ? 12.685  10.333  -8.731  1.00 40.21 ? 91  GLN A CD  1 
ATOM   720 O OE1 . GLN A 1 92 ? 13.069  10.642  -7.601  1.00 44.12 ? 91  GLN A OE1 1 
ATOM   721 N NE2 . GLN A 1 92 ? 11.533  10.759  -9.238  1.00 42.93 ? 91  GLN A NE2 1 
ATOM   722 N N   . TYR A 1 93 ? 16.760  6.193   -8.532  1.00 32.54 ? 92  TYR A N   1 
ATOM   723 C CA  . TYR A 1 93 ? 17.780  5.639   -7.640  1.00 31.92 ? 92  TYR A CA  1 
ATOM   724 C C   . TYR A 1 93 ? 18.517  4.451   -8.259  1.00 34.18 ? 92  TYR A C   1 
ATOM   725 O O   . TYR A 1 93 ? 19.253  3.735   -7.571  1.00 35.09 ? 92  TYR A O   1 
ATOM   726 C CB  . TYR A 1 93 ? 17.141  5.234   -6.301  1.00 34.63 ? 92  TYR A CB  1 
ATOM   727 C CG  . TYR A 1 93 ? 16.574  6.420   -5.558  1.00 34.55 ? 92  TYR A CG  1 
ATOM   728 C CD1 . TYR A 1 93 ? 15.283  6.867   -5.808  1.00 30.59 ? 92  TYR A CD1 1 
ATOM   729 C CD2 . TYR A 1 93 ? 17.344  7.114   -4.624  1.00 29.86 ? 92  TYR A CD2 1 
ATOM   730 C CE1 . TYR A 1 93 ? 14.768  7.960   -5.149  1.00 30.90 ? 92  TYR A CE1 1 
ATOM   731 C CE2 . TYR A 1 93 ? 16.836  8.206   -3.958  1.00 29.09 ? 92  TYR A CE2 1 
ATOM   732 C CZ  . TYR A 1 93 ? 15.551  8.627   -4.225  1.00 30.72 ? 92  TYR A CZ  1 
ATOM   733 O OH  . TYR A 1 93 ? 15.041  9.717   -3.568  1.00 33.03 ? 92  TYR A OH  1 
ATOM   734 N N   . LYS A 1 94 ? 18.325  4.251   -9.561  1.00 30.92 ? 93  LYS A N   1 
ATOM   735 C CA  . LYS A 1 94 ? 18.990  3.162   -10.274 1.00 34.94 ? 93  LYS A CA  1 
ATOM   736 C C   . LYS A 1 94 ? 20.461  3.490   -10.508 1.00 34.98 ? 93  LYS A C   1 
ATOM   737 O O   . LYS A 1 94 ? 20.810  4.661   -10.647 1.00 33.41 ? 93  LYS A O   1 
ATOM   738 C CB  . LYS A 1 94 ? 18.294  2.888   -11.609 1.00 36.19 ? 93  LYS A CB  1 
ATOM   739 O OXT . LYS A 1 94 ? 21.323  2.612   -10.566 1.00 36.82 ? 93  LYS A OXT 1 
HETATM 740 O O   . HOH B 2 .  ? -6.470  -9.666  15.998  1.00 8.76  ? 101 HOH A O   1 
HETATM 741 O O   . HOH B 2 .  ? -15.466 6.768   0.619   1.00 17.28 ? 102 HOH A O   1 
HETATM 742 O O   . HOH B 2 .  ? -2.689  11.080  2.458   1.00 16.19 ? 103 HOH A O   1 
HETATM 743 O O   . HOH B 2 .  ? 11.105  -3.232  2.174   1.00 18.24 ? 104 HOH A O   1 
HETATM 744 O O   . HOH B 2 .  ? 3.487   -2.509  11.878  1.00 14.09 ? 105 HOH A O   1 
HETATM 745 O O   . HOH B 2 .  ? 6.264   5.637   7.723   1.00 18.13 ? 106 HOH A O   1 
HETATM 746 O O   . HOH B 2 .  ? -8.793  0.219   -9.885  1.00 16.06 ? 107 HOH A O   1 
HETATM 747 O O   . HOH B 2 .  ? -0.811  13.036  2.884   1.00 24.53 ? 108 HOH A O   1 
HETATM 748 O O   . HOH B 2 .  ? -6.207  -8.951  7.396   1.00 19.01 ? 109 HOH A O   1 
HETATM 749 O O   . HOH B 2 .  ? -11.511 0.881   7.239   1.00 23.37 ? 110 HOH A O   1 
HETATM 750 O O   . HOH B 2 .  ? 2.632   8.621   9.222   1.00 18.65 ? 111 HOH A O   1 
HETATM 751 O O   . HOH B 2 .  ? 11.508  1.330   5.155   1.00 24.68 ? 112 HOH A O   1 
HETATM 752 O O   . HOH B 2 .  ? -4.172  -15.478 4.727   1.00 22.54 ? 113 HOH A O   1 
HETATM 753 O O   . HOH B 2 .  ? 10.170  4.554   8.485   1.00 36.41 ? 114 HOH A O   1 
HETATM 754 O O   . HOH B 2 .  ? -7.614  6.253   13.630  1.00 23.36 ? 115 HOH A O   1 
HETATM 755 O O   . HOH B 2 .  ? 8.105   -7.865  -0.704  1.00 26.72 ? 116 HOH A O   1 
HETATM 756 O O   . HOH B 2 .  ? 9.408   2.820   10.088  1.00 24.49 ? 117 HOH A O   1 
HETATM 757 O O   . HOH B 2 .  ? -16.685 1.425   -3.004  1.00 22.19 ? 118 HOH A O   1 
HETATM 758 O O   . HOH B 2 .  ? 10.505  -6.753  4.357   1.00 27.52 ? 119 HOH A O   1 
HETATM 759 O O   . HOH B 2 .  ? -11.111 3.680   -6.054  1.00 21.63 ? 120 HOH A O   1 
HETATM 760 O O   . HOH B 2 .  ? 1.627   -17.242 2.258   1.00 23.69 ? 121 HOH A O   1 
HETATM 761 O O   . HOH B 2 .  ? 2.141   12.254  2.844   1.00 22.57 ? 122 HOH A O   1 
HETATM 762 O O   . HOH B 2 .  ? 17.261  11.413  -2.284  1.00 30.42 ? 123 HOH A O   1 
HETATM 763 O O   . HOH B 2 .  ? 18.530  8.122   -12.065 1.00 24.77 ? 124 HOH A O   1 
HETATM 764 O O   . HOH B 2 .  ? -15.189 -1.645  -5.399  1.00 27.22 ? 125 HOH A O   1 
HETATM 765 O O   . HOH B 2 .  ? 2.594   -7.718  -8.407  1.00 28.21 ? 126 HOH A O   1 
HETATM 766 O O   . HOH B 2 .  ? 8.916   4.973   3.982   1.00 23.29 ? 127 HOH A O   1 
HETATM 767 O O   . HOH B 2 .  ? -13.373 3.621   -7.031  1.00 25.27 ? 128 HOH A O   1 
HETATM 768 O O   . HOH B 2 .  ? -9.058  8.608   11.780  1.00 27.00 ? 129 HOH A O   1 
HETATM 769 O O   . HOH B 2 .  ? -13.045 -6.238  -5.125  1.00 21.03 ? 130 HOH A O   1 
HETATM 770 O O   . HOH B 2 .  ? 12.606  -0.860  2.098   1.00 24.75 ? 131 HOH A O   1 
HETATM 771 O O   . HOH B 2 .  ? 6.711   10.237  2.535   1.00 23.36 ? 132 HOH A O   1 
HETATM 772 O O   . HOH B 2 .  ? -3.699  8.641   -9.449  1.00 27.79 ? 133 HOH A O   1 
HETATM 773 O O   . HOH B 2 .  ? 16.415  1.644   -8.046  1.00 34.09 ? 134 HOH A O   1 
HETATM 774 O O   . HOH B 2 .  ? 5.150   -4.687  12.548  1.00 26.34 ? 135 HOH A O   1 
HETATM 775 O O   . HOH B 2 .  ? -12.776 8.528   5.948   1.00 21.31 ? 136 HOH A O   1 
HETATM 776 O O   . HOH B 2 .  ? 10.315  -2.842  11.747  1.00 30.63 ? 137 HOH A O   1 
HETATM 777 O O   . HOH B 2 .  ? -14.528 -6.348  4.488   1.00 25.98 ? 138 HOH A O   1 
HETATM 778 O O   . HOH B 2 .  ? -4.803  -7.558  17.639  1.00 28.45 ? 139 HOH A O   1 
HETATM 779 O O   . HOH B 2 .  ? 5.911   -4.449  -7.464  1.00 25.73 ? 140 HOH A O   1 
HETATM 780 O O   . HOH B 2 .  ? 12.578  8.623   -12.804 1.00 34.80 ? 141 HOH A O   1 
HETATM 781 O O   . HOH B 2 .  ? -10.407 -4.830  9.471   1.00 28.99 ? 142 HOH A O   1 
HETATM 782 O O   . HOH B 2 .  ? 10.708  0.494   8.348   1.00 30.54 ? 143 HOH A O   1 
HETATM 783 O O   . HOH B 2 .  ? 3.878   -6.401  -6.606  1.00 22.23 ? 144 HOH A O   1 
HETATM 784 O O   . HOH B 2 .  ? -1.495  -5.213  -12.233 1.00 24.29 ? 145 HOH A O   1 
HETATM 785 O O   . HOH B 2 .  ? 11.314  -0.706  -11.479 1.00 30.81 ? 146 HOH A O   1 
HETATM 786 O O   . HOH B 2 .  ? 8.500   -8.219  4.165   1.00 25.23 ? 147 HOH A O   1 
HETATM 787 O O   . HOH B 2 .  ? 0.678   -14.762 0.675   1.00 35.77 ? 148 HOH A O   1 
HETATM 788 O O   . HOH B 2 .  ? 7.045   12.547  2.013   1.00 28.98 ? 149 HOH A O   1 
HETATM 789 O O   . HOH B 2 .  ? 9.860   12.393  -0.294  1.00 34.84 ? 150 HOH A O   1 
HETATM 790 O O   . HOH B 2 .  ? -12.099 -5.528  6.831   1.00 26.80 ? 151 HOH A O   1 
HETATM 791 O O   . HOH B 2 .  ? 12.470  -5.423  1.008   1.00 32.63 ? 152 HOH A O   1 
HETATM 792 O O   . HOH B 2 .  ? -3.557  2.720   -14.621 1.00 25.75 ? 153 HOH A O   1 
HETATM 793 O O   . HOH B 2 .  ? 3.561   -9.683  -2.297  1.00 29.04 ? 154 HOH A O   1 
HETATM 794 O O   . HOH B 2 .  ? -9.006  -9.147  -12.726 1.00 27.66 ? 155 HOH A O   1 
HETATM 795 O O   . HOH B 2 .  ? -9.164  7.130   -7.424  1.00 24.69 ? 156 HOH A O   1 
HETATM 796 O O   . HOH B 2 .  ? -2.336  -8.091  18.511  1.00 34.90 ? 157 HOH A O   1 
HETATM 797 O O   . HOH B 2 .  ? -8.251  -4.896  10.033  1.00 26.35 ? 158 HOH A O   1 
HETATM 798 O O   . HOH B 2 .  ? -2.190  9.784   -8.080  1.00 31.74 ? 159 HOH A O   1 
HETATM 799 O O   . HOH B 2 .  ? -7.274  -12.682 4.247   1.00 30.56 ? 160 HOH A O   1 
HETATM 800 O O   . HOH B 2 .  ? 7.054   9.503   -4.648  1.00 29.51 ? 161 HOH A O   1 
HETATM 801 O O   . HOH B 2 .  ? -3.235  -0.278  15.860  1.00 29.35 ? 162 HOH A O   1 
HETATM 802 O O   . HOH B 2 .  ? 13.509  14.336  -6.356  1.00 36.39 ? 163 HOH A O   1 
HETATM 803 O O   . HOH B 2 .  ? 7.212   4.497   -14.508 1.00 34.02 ? 164 HOH A O   1 
HETATM 804 O O   . HOH B 2 .  ? -12.781 2.410   5.985   1.00 25.85 ? 165 HOH A O   1 
HETATM 805 O O   . HOH B 2 .  ? 4.901   -11.532 5.474   1.00 30.55 ? 166 HOH A O   1 
HETATM 806 O O   . HOH B 2 .  ? 8.515   3.705   12.863  1.00 23.55 ? 167 HOH A O   1 
HETATM 807 O O   . HOH B 2 .  ? 7.240   -8.692  12.167  1.00 31.78 ? 168 HOH A O   1 
HETATM 808 O O   . HOH B 2 .  ? -12.939 -4.124  -8.437  1.00 26.86 ? 169 HOH A O   1 
HETATM 809 O O   . HOH B 2 .  ? -17.294 -1.598  4.385   1.00 35.33 ? 170 HOH A O   1 
HETATM 810 O O   . HOH B 2 .  ? 5.713   -8.898  7.475   1.00 27.90 ? 171 HOH A O   1 
HETATM 811 O O   . HOH B 2 .  ? 7.786   5.531   10.918  1.00 6.25  ? 172 HOH A O   1 
HETATM 812 O O   . HOH B 2 .  ? -11.960 5.033   6.534   1.00 27.21 ? 173 HOH A O   1 
HETATM 813 O O   . HOH B 2 .  ? -3.394  -4.005  -13.592 1.00 27.53 ? 174 HOH A O   1 
HETATM 814 O O   . HOH B 2 .  ? 1.440   -3.294  -14.309 1.00 32.64 ? 175 HOH A O   1 
HETATM 815 O O   . HOH B 2 .  ? -7.150  -13.730 2.119   1.00 30.67 ? 176 HOH A O   1 
HETATM 816 O O   . HOH B 2 .  ? 8.716   -6.937  10.791  1.00 29.49 ? 177 HOH A O   1 
HETATM 817 O O   . HOH B 2 .  ? -9.627  -1.360  -12.689 1.00 31.17 ? 178 HOH A O   1 
HETATM 818 O O   . HOH B 2 .  ? 2.761   -5.266  -10.707 1.00 29.68 ? 179 HOH A O   1 
HETATM 819 O O   . HOH B 2 .  ? 2.168   -0.272  -14.830 1.00 29.98 ? 180 HOH A O   1 
HETATM 820 O O   . HOH B 2 .  ? 11.120  -0.647  11.106  1.00 34.00 ? 181 HOH A O   1 
HETATM 821 O O   . HOH B 2 .  ? -3.714  -10.669 0.245   1.00 28.21 ? 182 HOH A O   1 
HETATM 822 O O   . HOH B 2 .  ? -5.989  -9.870  -10.300 1.00 26.61 ? 183 HOH A O   1 
HETATM 823 O O   . HOH B 2 .  ? 6.319   8.024   -9.011  1.00 31.99 ? 184 HOH A O   1 
HETATM 824 O O   . HOH B 2 .  ? -3.223  2.377   14.949  1.00 32.52 ? 185 HOH A O   1 
HETATM 825 O O   . HOH B 2 .  ? 0.786   -3.644  -11.794 1.00 36.73 ? 186 HOH A O   1 
HETATM 826 O O   . HOH B 2 .  ? 8.846   -10.362 0.740   1.00 36.51 ? 187 HOH A O   1 
HETATM 827 O O   . HOH B 2 .  ? 6.497   3.867   9.086   1.00 27.67 ? 188 HOH A O   1 
HETATM 828 O O   . HOH B 2 .  ? 8.401   -3.855  -14.884 1.00 40.55 ? 189 HOH A O   1 
HETATM 829 O O   . HOH B 2 .  ? -17.070 3.891   0.547   1.00 16.58 ? 190 HOH A O   1 
HETATM 830 O O   . HOH B 2 .  ? 4.588   -0.929  14.237  1.00 21.46 ? 191 HOH A O   1 
# 
